data_9CP9
#
_entry.id   9CP9
#
_cell.length_a   83.324
_cell.length_b   75.809
_cell.length_c   84.674
_cell.angle_alpha   90.000
_cell.angle_beta   117.099
_cell.angle_gamma   90.000
#
_symmetry.space_group_name_H-M   'P 1 21 1'
#
loop_
_entity.id
_entity.type
_entity.pdbx_description
1 polymer 'Sulfopropanediol 3-dehydrogenase'
2 non-polymer 'ZINC ION'
3 non-polymer '1,4-DIHYDRONICOTINAMIDE ADENINE DINUCLEOTIDE'
4 non-polymer '(2R)-2,3-dihydroxypropane-1-sulfonic acid'
5 non-polymer 'SULFATE ION'
6 water water
#
_entity_poly.entity_id   1
_entity_poly.type   'polypeptide(L)'
_entity_poly.pdbx_seq_one_letter_code
;GMISYLKKAEKTPQTETATAQKVVTEMLAEIQARGKDAVRQYAKQLDGWSGDIVLTPDQIREQTKDVPAGVRADIDFAIR
QVTDFALAQRESLKEFSVELHPGVTAGQRVLPVNVVGCYAPAGRYAHIASAYMGVATAKAAGVKTVVACSSPFRGQGIHP
HVLYAFQAAGADVIMALGGVQAIASMAYGLFTGKPADVVVGPGNKFVAEAKRSLYGQVGIDVFAGPSEVAVIADETADPA
IVASDLVGQAEHGHESPAWLFTTSRDLADRVMALVPELIAKLPPTARDAATAAWRDYGEVILCGTREEVVEISDRYASEA
LEVHTADLDWWLANLTCYGSLFLGEETTVAFGDKTSGPNHVLPTKGAARYSGGLSVHKFMKTLTWQQMTREATRQIGQVT
ARISRLEGMEAHARTADDRMAKYFPNASFEMGTPVEV
;
_entity_poly.pdbx_strand_id   A,B
#
loop_
_chem_comp.id
_chem_comp.type
_chem_comp.name
_chem_comp.formula
A1AZH non-polymer '(2R)-2,3-dihydroxypropane-1-sulfonic acid' 'C3 H8 O5 S'
NAI non-polymer '1,4-DIHYDRONICOTINAMIDE ADENINE DINUCLEOTIDE' 'C21 H29 N7 O14 P2'
SO4 non-polymer 'SULFATE ION' 'O4 S -2'
ZN non-polymer 'ZINC ION' 'Zn 2'
#
# COMPACT_ATOMS: atom_id res chain seq x y z
N ILE A 3 32.09 0.85 13.87
CA ILE A 3 30.67 0.84 14.39
C ILE A 3 30.64 0.09 15.72
N SER A 4 30.45 0.82 16.82
CA SER A 4 30.46 0.27 18.16
C SER A 4 29.14 0.56 18.89
N TYR A 5 28.55 -0.49 19.47
CA TYR A 5 27.37 -0.36 20.29
C TYR A 5 27.76 0.02 21.72
N LEU A 6 27.63 1.32 22.03
CA LEU A 6 27.88 1.82 23.37
C LEU A 6 26.74 1.42 24.30
N LYS A 7 25.53 1.25 23.73
CA LYS A 7 24.42 0.63 24.42
C LYS A 7 23.70 -0.29 23.44
N LYS A 8 23.53 -1.56 23.84
CA LYS A 8 22.90 -2.57 23.02
C LYS A 8 21.58 -2.98 23.66
N ALA A 9 20.53 -3.11 22.85
CA ALA A 9 19.21 -3.44 23.34
C ALA A 9 19.05 -4.96 23.45
N GLU A 10 18.29 -5.41 24.45
CA GLU A 10 17.91 -6.81 24.56
C GLU A 10 16.68 -7.10 23.69
N LYS A 11 15.84 -6.09 23.44
CA LYS A 11 14.63 -6.26 22.65
C LYS A 11 14.66 -5.33 21.43
N THR A 12 13.94 -5.75 20.38
CA THR A 12 13.74 -4.93 19.20
C THR A 12 12.23 -4.89 18.91
N PRO A 13 11.76 -4.04 17.96
CA PRO A 13 10.37 -4.09 17.50
C PRO A 13 9.82 -5.46 17.09
N GLN A 14 10.72 -6.40 16.74
CA GLN A 14 10.37 -7.74 16.31
C GLN A 14 10.10 -8.68 17.48
N THR A 15 10.56 -8.33 18.69
CA THR A 15 10.53 -9.24 19.83
C THR A 15 9.09 -9.66 20.17
N GLU A 16 8.14 -8.71 20.08
CA GLU A 16 6.78 -8.91 20.57
C GLU A 16 5.81 -9.37 19.48
N THR A 17 6.33 -9.67 18.28
CA THR A 17 5.51 -9.99 17.11
C THR A 17 4.64 -11.22 17.37
N ALA A 18 5.18 -12.25 18.02
CA ALA A 18 4.48 -13.51 18.17
C ALA A 18 3.22 -13.34 19.03
N THR A 19 3.35 -12.58 20.13
CA THR A 19 2.23 -12.30 21.03
C THR A 19 1.13 -11.54 20.31
N ALA A 20 1.52 -10.51 19.55
CA ALA A 20 0.59 -9.68 18.82
C ALA A 20 -0.23 -10.51 17.84
N GLN A 21 0.45 -11.38 17.08
CA GLN A 21 -0.18 -12.16 16.02
C GLN A 21 -1.14 -13.18 16.61
N LYS A 22 -0.76 -13.80 17.73
CA LYS A 22 -1.59 -14.77 18.41
C LYS A 22 -2.92 -14.11 18.83
N VAL A 23 -2.84 -12.96 19.49
CA VAL A 23 -4.04 -12.29 19.94
C VAL A 23 -4.89 -11.88 18.73
N VAL A 24 -4.27 -11.31 17.69
CA VAL A 24 -5.00 -10.74 16.58
C VAL A 24 -5.71 -11.87 15.80
N THR A 25 -5.02 -13.00 15.60
CA THR A 25 -5.59 -14.15 14.91
C THR A 25 -6.88 -14.62 15.62
N GLU A 26 -6.83 -14.74 16.95
CA GLU A 26 -7.95 -15.19 17.76
C GLU A 26 -9.12 -14.19 17.64
N MET A 27 -8.82 -12.89 17.80
CA MET A 27 -9.85 -11.88 17.87
C MET A 27 -10.55 -11.71 16.52
N LEU A 28 -9.79 -11.76 15.42
CA LEU A 28 -10.37 -11.57 14.09
C LEU A 28 -11.24 -12.75 13.71
N ALA A 29 -10.81 -13.98 14.09
CA ALA A 29 -11.63 -15.17 13.93
C ALA A 29 -12.97 -15.04 14.65
N GLU A 30 -12.94 -14.57 15.92
CA GLU A 30 -14.17 -14.36 16.66
C GLU A 30 -15.06 -13.34 15.97
N ILE A 31 -14.46 -12.26 15.46
CA ILE A 31 -15.26 -11.17 14.89
C ILE A 31 -15.81 -11.58 13.52
N GLN A 32 -15.06 -12.37 12.75
CA GLN A 32 -15.59 -12.90 11.50
C GLN A 32 -16.78 -13.80 11.81
N ALA A 33 -16.62 -14.66 12.83
CA ALA A 33 -17.67 -15.61 13.22
C ALA A 33 -18.90 -14.90 13.78
N ARG A 34 -18.73 -14.02 14.78
CA ARG A 34 -19.85 -13.57 15.60
C ARG A 34 -20.21 -12.11 15.36
N GLY A 35 -19.46 -11.41 14.50
CA GLY A 35 -19.77 -10.03 14.14
C GLY A 35 -19.86 -9.11 15.37
N LYS A 36 -20.95 -8.33 15.41
CA LYS A 36 -21.12 -7.28 16.41
C LYS A 36 -21.15 -7.82 17.83
N ASP A 37 -21.61 -9.06 18.00
CA ASP A 37 -21.68 -9.68 19.32
C ASP A 37 -20.28 -9.82 19.91
N ALA A 38 -19.31 -10.24 19.09
CA ALA A 38 -17.95 -10.38 19.57
C ALA A 38 -17.36 -9.01 19.90
N VAL A 39 -17.75 -7.98 19.13
CA VAL A 39 -17.18 -6.65 19.29
C VAL A 39 -17.68 -6.03 20.61
N ARG A 40 -18.99 -6.16 20.86
CA ARG A 40 -19.59 -5.72 22.11
C ARG A 40 -18.96 -6.45 23.30
N GLN A 41 -18.70 -7.76 23.13
CA GLN A 41 -18.09 -8.55 24.19
C GLN A 41 -16.66 -8.07 24.45
N TYR A 42 -15.89 -7.81 23.40
CA TYR A 42 -14.51 -7.37 23.55
C TYR A 42 -14.46 -5.99 24.18
N ALA A 43 -15.38 -5.09 23.78
CA ALA A 43 -15.41 -3.75 24.34
C ALA A 43 -15.66 -3.78 25.86
N LYS A 44 -16.58 -4.66 26.28
CA LYS A 44 -16.91 -4.81 27.68
C LYS A 44 -15.70 -5.38 28.43
N GLN A 45 -15.14 -6.46 27.89
CA GLN A 45 -14.18 -7.25 28.64
C GLN A 45 -12.79 -6.61 28.64
N LEU A 46 -12.41 -5.96 27.53
CA LEU A 46 -11.10 -5.34 27.43
C LEU A 46 -11.14 -3.91 27.96
N ASP A 47 -12.20 -3.16 27.65
CA ASP A 47 -12.20 -1.72 27.90
C ASP A 47 -13.26 -1.33 28.92
N GLY A 48 -14.04 -2.30 29.44
CA GLY A 48 -15.01 -2.02 30.48
C GLY A 48 -16.20 -1.20 29.98
N TRP A 49 -16.43 -1.17 28.68
CA TRP A 49 -17.46 -0.33 28.07
C TRP A 49 -18.70 -1.17 27.78
N SER A 50 -19.87 -0.71 28.25
CA SER A 50 -21.13 -1.36 27.90
C SER A 50 -22.12 -0.34 27.34
N GLY A 51 -21.63 0.87 27.02
CA GLY A 51 -22.47 1.91 26.44
C GLY A 51 -22.69 1.69 24.95
N ASP A 52 -23.41 2.62 24.32
CA ASP A 52 -23.59 2.62 22.87
C ASP A 52 -22.23 2.87 22.22
N ILE A 53 -22.06 2.38 20.99
CA ILE A 53 -20.76 2.43 20.34
C ILE A 53 -20.72 3.61 19.38
N VAL A 54 -21.78 3.78 18.59
CA VAL A 54 -21.90 4.90 17.67
C VAL A 54 -22.43 6.10 18.43
N LEU A 55 -21.67 7.19 18.45
CA LEU A 55 -22.09 8.40 19.12
C LEU A 55 -23.13 9.13 18.27
N THR A 56 -24.18 9.63 18.93
CA THR A 56 -25.19 10.44 18.25
C THR A 56 -24.72 11.90 18.21
N PRO A 57 -25.27 12.73 17.31
CA PRO A 57 -24.96 14.16 17.28
C PRO A 57 -25.14 14.85 18.64
N ASP A 58 -26.20 14.49 19.36
CA ASP A 58 -26.48 15.08 20.65
C ASP A 58 -25.40 14.70 21.66
N GLN A 59 -24.94 13.43 21.61
CA GLN A 59 -23.92 12.97 22.53
C GLN A 59 -22.61 13.73 22.30
N ILE A 60 -22.28 14.01 21.03
CA ILE A 60 -21.03 14.66 20.67
C ILE A 60 -21.03 16.09 21.22
N ARG A 61 -22.11 16.82 20.93
CA ARG A 61 -22.31 18.16 21.46
C ARG A 61 -22.19 18.14 22.99
N GLU A 62 -22.90 17.22 23.64
CA GLU A 62 -22.97 17.16 25.09
C GLU A 62 -21.60 16.86 25.69
N GLN A 63 -20.85 15.94 25.07
CA GLN A 63 -19.55 15.53 25.58
C GLN A 63 -18.45 16.56 25.26
N THR A 64 -18.69 17.52 24.34
CA THR A 64 -17.66 18.49 23.97
C THR A 64 -18.03 19.92 24.37
N LYS A 65 -19.12 20.10 25.12
CA LYS A 65 -19.70 21.43 25.33
C LYS A 65 -18.84 22.29 26.25
N ASP A 66 -18.07 21.66 27.14
CA ASP A 66 -17.25 22.39 28.09
C ASP A 66 -15.77 22.38 27.70
N VAL A 67 -15.45 22.01 26.46
CA VAL A 67 -14.07 22.10 26.00
C VAL A 67 -13.73 23.58 25.87
N PRO A 68 -12.75 24.10 26.65
CA PRO A 68 -12.45 25.54 26.68
C PRO A 68 -11.98 26.09 25.33
N ALA A 69 -12.17 27.41 25.15
CA ALA A 69 -11.82 28.10 23.90
C ALA A 69 -10.33 27.98 23.60
N GLY A 70 -9.50 27.99 24.64
CA GLY A 70 -8.05 27.88 24.47
C GLY A 70 -7.62 26.55 23.86
N VAL A 71 -8.26 25.47 24.30
CA VAL A 71 -7.99 24.13 23.81
C VAL A 71 -8.43 24.02 22.36
N ARG A 72 -9.64 24.52 22.07
CA ARG A 72 -10.17 24.55 20.72
C ARG A 72 -9.22 25.31 19.79
N ALA A 73 -8.70 26.46 20.22
CA ALA A 73 -7.84 27.26 19.37
C ALA A 73 -6.53 26.51 19.04
N ASP A 74 -5.97 25.77 19.99
CA ASP A 74 -4.76 25.00 19.75
C ASP A 74 -5.02 23.87 18.76
N ILE A 75 -6.10 23.12 18.97
CA ILE A 75 -6.42 22.02 18.07
C ILE A 75 -6.72 22.55 16.67
N ASP A 76 -7.48 23.66 16.56
CA ASP A 76 -7.83 24.25 15.28
C ASP A 76 -6.57 24.72 14.55
N PHE A 77 -5.60 25.29 15.28
CA PHE A 77 -4.35 25.72 14.70
C PHE A 77 -3.62 24.51 14.12
N ALA A 78 -3.63 23.39 14.85
CA ALA A 78 -2.95 22.18 14.42
C ALA A 78 -3.61 21.58 13.18
N ILE A 79 -4.95 21.58 13.15
CA ILE A 79 -5.73 21.09 12.02
C ILE A 79 -5.39 21.91 10.77
N ARG A 80 -5.19 23.22 10.96
CA ARG A 80 -4.84 24.08 9.84
C ARG A 80 -3.48 23.67 9.26
N GLN A 81 -2.51 23.36 10.12
CA GLN A 81 -1.16 23.08 9.65
C GLN A 81 -1.15 21.75 8.91
N VAL A 82 -1.82 20.75 9.47
CA VAL A 82 -1.92 19.44 8.85
C VAL A 82 -2.63 19.55 7.49
N THR A 83 -3.72 20.33 7.44
CA THR A 83 -4.48 20.53 6.21
C THR A 83 -3.61 21.23 5.17
N ASP A 84 -2.91 22.29 5.57
CA ASP A 84 -2.09 23.05 4.63
C ASP A 84 -1.07 22.12 3.96
N PHE A 85 -0.39 21.28 4.75
CA PHE A 85 0.66 20.43 4.22
C PHE A 85 0.03 19.32 3.37
N ALA A 86 -1.14 18.83 3.80
CA ALA A 86 -1.85 17.80 3.07
C ALA A 86 -2.24 18.30 1.68
N LEU A 87 -2.76 19.53 1.61
CA LEU A 87 -3.17 20.12 0.35
C LEU A 87 -1.98 20.30 -0.59
N ALA A 88 -0.80 20.61 -0.04
CA ALA A 88 0.42 20.68 -0.83
C ALA A 88 0.83 19.31 -1.37
N GLN A 89 0.70 18.25 -0.56
CA GLN A 89 1.05 16.91 -1.01
C GLN A 89 0.09 16.48 -2.11
N ARG A 90 -1.18 16.83 -1.96
CA ARG A 90 -2.20 16.50 -2.94
C ARG A 90 -1.82 17.05 -4.32
N GLU A 91 -1.28 18.28 -4.34
CA GLU A 91 -0.87 18.93 -5.57
C GLU A 91 0.31 18.23 -6.25
N SER A 92 1.04 17.41 -5.49
CA SER A 92 2.28 16.80 -5.96
C SER A 92 2.00 15.58 -6.85
N LEU A 93 0.77 15.07 -6.85
CA LEU A 93 0.39 13.91 -7.66
C LEU A 93 -0.61 14.34 -8.71
N LYS A 94 -0.20 14.24 -9.99
CA LYS A 94 -0.92 14.81 -11.12
C LYS A 94 -1.61 13.73 -11.96
N GLU A 95 -2.75 14.09 -12.54
CA GLU A 95 -3.32 13.35 -13.67
C GLU A 95 -2.58 13.73 -14.96
N PHE A 96 -2.60 12.86 -15.96
CA PHE A 96 -1.97 13.13 -17.25
C PHE A 96 -2.48 12.15 -18.30
N SER A 97 -2.30 12.51 -19.58
CA SER A 97 -2.41 11.56 -20.67
C SER A 97 -1.22 11.76 -21.61
N VAL A 98 -0.84 10.69 -22.33
CA VAL A 98 0.26 10.72 -23.27
C VAL A 98 -0.12 9.86 -24.46
N GLU A 99 0.50 10.15 -25.61
CA GLU A 99 0.47 9.26 -26.77
C GLU A 99 1.65 8.29 -26.63
N LEU A 100 1.40 7.00 -26.85
CA LEU A 100 2.44 6.00 -26.79
C LEU A 100 2.76 5.60 -28.24
N HIS A 101 2.45 4.38 -28.69
CA HIS A 101 2.43 4.09 -30.12
C HIS A 101 1.40 5.01 -30.76
N PRO A 102 1.65 5.55 -31.99
CA PRO A 102 0.71 6.49 -32.62
C PRO A 102 -0.71 5.96 -32.61
N GLY A 103 -1.64 6.79 -32.12
CA GLY A 103 -3.03 6.43 -32.00
C GLY A 103 -3.38 5.79 -30.65
N VAL A 104 -2.38 5.47 -29.82
CA VAL A 104 -2.63 4.94 -28.49
C VAL A 104 -2.57 6.08 -27.49
N THR A 105 -3.71 6.42 -26.89
CA THR A 105 -3.76 7.39 -25.81
C THR A 105 -3.84 6.63 -24.48
N ALA A 106 -2.95 6.95 -23.54
CA ALA A 106 -3.00 6.38 -22.21
C ALA A 106 -2.84 7.47 -21.16
N GLY A 107 -3.58 7.33 -20.05
CA GLY A 107 -3.58 8.31 -19.00
C GLY A 107 -3.67 7.69 -17.60
N GLN A 108 -3.52 8.59 -16.61
CA GLN A 108 -3.60 8.26 -15.20
C GLN A 108 -4.71 9.12 -14.59
N ARG A 109 -5.69 8.46 -13.98
CA ARG A 109 -6.71 9.13 -13.18
C ARG A 109 -6.33 8.99 -11.70
N VAL A 110 -6.53 10.07 -10.96
CA VAL A 110 -6.22 10.11 -9.54
C VAL A 110 -7.52 10.43 -8.80
N LEU A 111 -8.04 9.43 -8.06
CA LEU A 111 -9.39 9.49 -7.49
C LEU A 111 -9.36 9.11 -6.01
N PRO A 112 -10.06 9.86 -5.14
CA PRO A 112 -10.13 9.53 -3.71
C PRO A 112 -10.99 8.29 -3.49
N VAL A 113 -10.67 7.50 -2.45
CA VAL A 113 -11.53 6.41 -2.01
C VAL A 113 -12.85 6.98 -1.47
N ASN A 114 -13.85 6.11 -1.31
CA ASN A 114 -15.19 6.51 -0.90
C ASN A 114 -15.31 6.62 0.62
N VAL A 115 -14.77 5.62 1.35
CA VAL A 115 -14.94 5.52 2.79
C VAL A 115 -13.60 5.20 3.46
N VAL A 116 -13.27 6.00 4.47
CA VAL A 116 -12.06 5.82 5.25
C VAL A 116 -12.44 5.61 6.73
N GLY A 117 -11.75 4.65 7.36
CA GLY A 117 -11.80 4.44 8.79
C GLY A 117 -10.53 4.96 9.46
N CYS A 118 -10.67 5.88 10.43
CA CYS A 118 -9.55 6.45 11.17
C CYS A 118 -9.57 5.99 12.62
N TYR A 119 -8.42 5.52 13.10
CA TYR A 119 -8.27 5.15 14.50
C TYR A 119 -7.38 6.16 15.19
N ALA A 120 -7.85 6.68 16.34
CA ALA A 120 -7.03 7.47 17.24
C ALA A 120 -6.85 6.71 18.54
N PRO A 121 -5.62 6.29 18.87
CA PRO A 121 -5.38 5.49 20.08
C PRO A 121 -5.66 6.23 21.39
N ALA A 122 -5.96 5.44 22.42
CA ALA A 122 -6.17 5.95 23.77
C ALA A 122 -6.00 4.78 24.73
N GLY A 123 -5.02 4.88 25.62
CA GLY A 123 -4.72 3.85 26.59
C GLY A 123 -3.85 4.45 27.69
N ARG A 124 -2.55 4.39 27.49
CA ARG A 124 -1.62 5.08 28.36
C ARG A 124 -1.94 6.57 28.30
N TYR A 125 -1.98 7.12 27.08
CA TYR A 125 -2.31 8.53 26.85
C TYR A 125 -3.51 8.61 25.91
N ALA A 126 -4.11 9.81 25.80
CA ALA A 126 -5.19 10.08 24.85
C ALA A 126 -4.63 10.83 23.65
N HIS A 127 -4.67 10.20 22.47
CA HIS A 127 -3.96 10.72 21.31
C HIS A 127 -4.85 11.69 20.53
N ILE A 128 -4.90 12.93 21.04
CA ILE A 128 -5.64 14.03 20.46
C ILE A 128 -5.15 14.31 19.04
N ALA A 129 -3.82 14.41 18.88
CA ALA A 129 -3.23 14.76 17.61
C ALA A 129 -3.52 13.69 16.57
N SER A 130 -3.47 12.41 16.96
CA SER A 130 -3.76 11.31 16.06
C SER A 130 -5.16 11.47 15.45
N ALA A 131 -6.09 12.02 16.23
CA ALA A 131 -7.47 12.17 15.81
C ALA A 131 -7.56 13.06 14.57
N TYR A 132 -6.85 14.20 14.57
CA TYR A 132 -6.90 15.08 13.41
C TYR A 132 -5.93 14.61 12.33
N MET A 133 -4.87 13.88 12.70
CA MET A 133 -3.93 13.40 11.71
C MET A 133 -4.65 12.57 10.65
N GLY A 134 -5.57 11.70 11.09
CA GLY A 134 -6.31 10.83 10.19
C GLY A 134 -7.41 11.57 9.45
N VAL A 135 -8.30 12.23 10.20
CA VAL A 135 -9.52 12.76 9.63
C VAL A 135 -9.23 13.98 8.77
N ALA A 136 -8.36 14.88 9.25
CA ALA A 136 -8.08 16.08 8.47
C ALA A 136 -7.46 15.72 7.14
N THR A 137 -6.60 14.68 7.13
CA THR A 137 -5.90 14.27 5.92
C THR A 137 -6.91 13.66 4.94
N ALA A 138 -7.82 12.82 5.47
CA ALA A 138 -8.85 12.18 4.66
C ALA A 138 -9.72 13.25 3.98
N LYS A 139 -10.10 14.29 4.72
CA LYS A 139 -10.94 15.35 4.17
C LYS A 139 -10.15 16.14 3.12
N ALA A 140 -8.87 16.41 3.39
CA ALA A 140 -8.02 17.10 2.43
C ALA A 140 -7.93 16.30 1.13
N ALA A 141 -8.02 14.96 1.23
CA ALA A 141 -7.91 14.10 0.07
C ALA A 141 -9.20 14.10 -0.77
N GLY A 142 -10.31 14.59 -0.21
CA GLY A 142 -11.60 14.60 -0.89
C GLY A 142 -12.43 13.36 -0.57
N VAL A 143 -12.11 12.63 0.50
CA VAL A 143 -12.89 11.47 0.89
C VAL A 143 -14.21 11.94 1.50
N LYS A 144 -15.33 11.35 1.04
CA LYS A 144 -16.65 11.86 1.38
C LYS A 144 -17.16 11.30 2.71
N THR A 145 -16.77 10.07 3.06
CA THR A 145 -17.25 9.45 4.29
C THR A 145 -16.06 9.03 5.14
N VAL A 146 -15.95 9.62 6.34
CA VAL A 146 -14.93 9.27 7.29
C VAL A 146 -15.58 8.76 8.58
N VAL A 147 -15.31 7.49 8.87
CA VAL A 147 -15.66 6.86 10.14
C VAL A 147 -14.45 6.93 11.07
N ALA A 148 -14.67 7.36 12.31
CA ALA A 148 -13.60 7.62 13.26
C ALA A 148 -13.85 6.87 14.56
N CYS A 149 -12.84 6.15 15.05
CA CYS A 149 -12.89 5.42 16.31
C CYS A 149 -11.77 5.81 17.26
N SER A 150 -12.10 5.88 18.55
CA SER A 150 -11.07 5.94 19.59
C SER A 150 -11.52 5.11 20.79
N SER A 151 -10.54 4.53 21.48
CA SER A 151 -10.78 3.67 22.63
C SER A 151 -11.45 4.45 23.75
N PRO A 152 -12.41 3.85 24.50
CA PRO A 152 -12.88 4.44 25.75
C PRO A 152 -11.66 4.66 26.65
N PHE A 153 -11.60 5.84 27.27
CA PHE A 153 -10.44 6.21 28.06
C PHE A 153 -10.87 6.55 29.48
N ARG A 154 -10.19 5.93 30.46
CA ARG A 154 -10.29 6.31 31.87
C ARG A 154 -11.74 6.40 32.36
N GLY A 155 -12.51 5.32 32.18
CA GLY A 155 -13.83 5.22 32.77
C GLY A 155 -14.93 5.77 31.85
N GLN A 156 -14.62 6.83 31.09
CA GLN A 156 -15.59 7.47 30.23
C GLN A 156 -15.53 6.83 28.84
N GLY A 157 -16.32 7.36 27.91
CA GLY A 157 -16.15 7.04 26.51
C GLY A 157 -14.92 7.74 25.94
N ILE A 158 -15.06 8.29 24.74
CA ILE A 158 -13.94 8.88 24.03
C ILE A 158 -13.45 10.09 24.82
N HIS A 159 -12.15 10.27 24.92
CA HIS A 159 -11.62 11.47 25.56
C HIS A 159 -12.24 12.68 24.90
N PRO A 160 -12.80 13.66 25.66
CA PRO A 160 -13.51 14.79 25.07
C PRO A 160 -12.72 15.64 24.07
N HIS A 161 -11.39 15.74 24.27
CA HIS A 161 -10.53 16.50 23.38
C HIS A 161 -10.23 15.73 22.09
N VAL A 162 -10.18 14.39 22.18
CA VAL A 162 -10.08 13.54 21.00
C VAL A 162 -11.35 13.70 20.17
N LEU A 163 -12.48 13.67 20.89
CA LEU A 163 -13.81 13.83 20.29
C LEU A 163 -13.89 15.17 19.57
N TYR A 164 -13.41 16.26 20.20
CA TYR A 164 -13.44 17.57 19.58
C TYR A 164 -12.58 17.57 18.31
N ALA A 165 -11.38 16.97 18.39
CA ALA A 165 -10.50 16.84 17.24
C ALA A 165 -11.19 16.12 16.08
N PHE A 166 -11.82 14.97 16.34
CA PHE A 166 -12.53 14.23 15.31
C PHE A 166 -13.59 15.11 14.65
N GLN A 167 -14.38 15.81 15.48
CA GLN A 167 -15.51 16.60 15.02
C GLN A 167 -15.03 17.80 14.22
N ALA A 168 -14.05 18.54 14.76
CA ALA A 168 -13.55 19.73 14.08
C ALA A 168 -12.82 19.35 12.79
N ALA A 169 -12.19 18.19 12.76
CA ALA A 169 -11.46 17.76 11.57
C ALA A 169 -12.42 17.32 10.46
N GLY A 170 -13.67 16.96 10.84
CA GLY A 170 -14.74 16.69 9.88
C GLY A 170 -15.16 15.23 9.79
N ALA A 171 -15.06 14.46 10.89
CA ALA A 171 -15.51 13.08 10.89
C ALA A 171 -17.03 13.01 10.71
N ASP A 172 -17.51 12.01 9.95
CA ASP A 172 -18.94 11.87 9.67
C ASP A 172 -19.63 11.00 10.71
N VAL A 173 -18.96 9.91 11.13
CA VAL A 173 -19.43 9.01 12.16
C VAL A 173 -18.31 8.84 13.18
N ILE A 174 -18.67 8.88 14.48
CA ILE A 174 -17.69 8.66 15.54
C ILE A 174 -18.17 7.53 16.44
N MET A 175 -17.25 6.60 16.75
CA MET A 175 -17.55 5.45 17.58
C MET A 175 -16.58 5.38 18.76
N ALA A 176 -17.14 4.99 19.92
CA ALA A 176 -16.37 4.69 21.11
C ALA A 176 -15.99 3.23 21.09
N LEU A 177 -14.81 2.94 20.53
CA LEU A 177 -14.38 1.59 20.28
C LEU A 177 -12.86 1.56 20.12
N GLY A 178 -12.21 0.59 20.79
CA GLY A 178 -10.74 0.55 20.83
C GLY A 178 -10.19 -0.70 20.16
N GLY A 179 -8.88 -0.65 19.87
CA GLY A 179 -8.07 -1.84 19.66
C GLY A 179 -8.45 -2.60 18.39
N VAL A 180 -8.28 -3.92 18.45
CA VAL A 180 -8.50 -4.80 17.31
C VAL A 180 -9.97 -4.72 16.88
N GLN A 181 -10.88 -4.63 17.86
CA GLN A 181 -12.31 -4.65 17.58
C GLN A 181 -12.70 -3.38 16.81
N ALA A 182 -11.99 -2.27 17.04
CA ALA A 182 -12.23 -1.03 16.32
C ALA A 182 -11.80 -1.14 14.87
N ILE A 183 -10.58 -1.66 14.67
CA ILE A 183 -10.00 -1.83 13.35
C ILE A 183 -10.92 -2.74 12.54
N ALA A 184 -11.29 -3.87 13.15
CA ALA A 184 -12.15 -4.85 12.51
C ALA A 184 -13.50 -4.26 12.17
N SER A 185 -14.10 -3.52 13.11
CA SER A 185 -15.43 -2.95 12.89
C SER A 185 -15.43 -2.00 11.69
N MET A 186 -14.38 -1.19 11.59
CA MET A 186 -14.28 -0.24 10.49
C MET A 186 -14.07 -1.00 9.17
N ALA A 187 -13.30 -2.09 9.23
CA ALA A 187 -13.02 -2.88 8.04
C ALA A 187 -14.30 -3.51 7.50
N TYR A 188 -15.15 -4.03 8.39
CA TYR A 188 -16.32 -4.79 7.97
C TYR A 188 -17.58 -3.93 7.96
N GLY A 189 -17.47 -2.67 8.39
CA GLY A 189 -18.61 -1.77 8.41
C GLY A 189 -19.64 -2.12 9.48
N LEU A 190 -19.20 -2.78 10.55
CA LEU A 190 -20.08 -3.10 11.68
C LEU A 190 -20.56 -1.79 12.31
N PHE A 191 -21.84 -1.78 12.70
CA PHE A 191 -22.50 -0.70 13.42
C PHE A 191 -22.92 0.43 12.46
N THR A 192 -22.12 0.74 11.44
CA THR A 192 -22.43 1.82 10.53
C THR A 192 -23.07 1.31 9.24
N GLY A 193 -22.78 0.06 8.87
CA GLY A 193 -23.17 -0.46 7.57
C GLY A 193 -22.33 0.14 6.44
N LYS A 194 -21.22 0.81 6.78
CA LYS A 194 -20.37 1.46 5.79
C LYS A 194 -18.96 0.88 5.88
N PRO A 195 -18.66 -0.25 5.19
CA PRO A 195 -17.32 -0.82 5.19
C PRO A 195 -16.30 0.19 4.63
N ALA A 196 -15.16 0.31 5.31
CA ALA A 196 -14.11 1.20 4.86
C ALA A 196 -13.42 0.62 3.62
N ASP A 197 -12.99 1.51 2.74
CA ASP A 197 -12.06 1.18 1.67
C ASP A 197 -10.62 1.18 2.20
N VAL A 198 -10.29 2.18 3.02
CA VAL A 198 -8.97 2.27 3.65
C VAL A 198 -9.14 2.49 5.16
N VAL A 199 -8.32 1.79 5.95
CA VAL A 199 -8.27 1.99 7.39
C VAL A 199 -6.88 2.51 7.72
N VAL A 200 -6.84 3.59 8.52
CA VAL A 200 -5.61 4.29 8.85
C VAL A 200 -5.53 4.51 10.36
N GLY A 201 -4.31 4.84 10.82
CA GLY A 201 -4.16 5.31 12.19
C GLY A 201 -3.16 4.47 12.98
N PRO A 202 -2.56 5.07 14.02
CA PRO A 202 -1.54 4.39 14.83
C PRO A 202 -2.16 3.61 15.99
N GLY A 203 -1.37 2.76 16.62
CA GLY A 203 -1.79 2.06 17.82
C GLY A 203 -0.71 1.13 18.36
N ASN A 204 -1.06 0.37 19.40
CA ASN A 204 -0.15 -0.57 20.02
C ASN A 204 0.08 -1.74 19.06
N LYS A 205 0.90 -2.72 19.47
CA LYS A 205 1.28 -3.82 18.62
C LYS A 205 0.05 -4.59 18.09
N PHE A 206 -1.08 -4.60 18.83
CA PHE A 206 -2.26 -5.34 18.42
C PHE A 206 -3.00 -4.60 17.33
N VAL A 207 -3.13 -3.28 17.51
CA VAL A 207 -3.81 -2.43 16.53
C VAL A 207 -3.08 -2.55 15.19
N ALA A 208 -1.76 -2.42 15.22
CA ALA A 208 -0.96 -2.37 14.00
C ALA A 208 -1.05 -3.72 13.29
N GLU A 209 -0.97 -4.81 14.06
CA GLU A 209 -1.04 -6.16 13.51
C GLU A 209 -2.43 -6.45 12.93
N ALA A 210 -3.48 -5.85 13.50
CA ALA A 210 -4.84 -6.05 13.02
C ALA A 210 -5.02 -5.40 11.64
N LYS A 211 -4.52 -4.17 11.48
CA LYS A 211 -4.52 -3.51 10.19
C LYS A 211 -3.75 -4.32 9.14
N ARG A 212 -2.56 -4.78 9.53
CA ARG A 212 -1.68 -5.55 8.66
C ARG A 212 -2.38 -6.83 8.19
N SER A 213 -3.14 -7.44 9.10
CA SER A 213 -3.76 -8.73 8.85
C SER A 213 -5.02 -8.56 8.02
N LEU A 214 -5.65 -7.37 8.13
CA LEU A 214 -6.88 -7.08 7.41
C LEU A 214 -6.58 -6.45 6.05
N TYR A 215 -5.30 -6.13 5.79
CA TYR A 215 -4.92 -5.67 4.47
C TYR A 215 -5.45 -6.65 3.43
N GLY A 216 -6.05 -6.12 2.35
CA GLY A 216 -6.71 -6.93 1.35
C GLY A 216 -8.22 -6.71 1.39
N GLN A 217 -8.81 -6.98 2.56
CA GLN A 217 -10.18 -6.59 2.84
C GLN A 217 -10.28 -5.07 2.72
N VAL A 218 -9.25 -4.38 3.22
CA VAL A 218 -9.16 -2.93 3.12
C VAL A 218 -7.73 -2.58 2.68
N GLY A 219 -7.57 -1.40 2.09
CA GLY A 219 -6.26 -0.78 2.00
C GLY A 219 -5.87 -0.20 3.35
N ILE A 220 -4.60 0.10 3.56
CA ILE A 220 -4.19 0.82 4.75
C ILE A 220 -3.17 1.89 4.38
N ASP A 221 -2.81 2.71 5.39
CA ASP A 221 -1.71 3.66 5.30
C ASP A 221 -0.40 2.89 5.39
N VAL A 222 -0.10 2.40 6.58
CA VAL A 222 1.16 1.75 6.86
C VAL A 222 1.09 1.08 8.23
N PHE A 223 2.05 0.18 8.50
CA PHE A 223 2.21 -0.42 9.81
C PHE A 223 2.75 0.63 10.78
N ALA A 224 1.87 1.14 11.65
CA ALA A 224 2.18 2.23 12.56
C ALA A 224 1.96 1.77 13.99
N GLY A 225 2.97 1.08 14.53
CA GLY A 225 2.91 0.53 15.86
C GLY A 225 3.67 1.38 16.87
N PRO A 226 4.16 0.75 17.98
CA PRO A 226 4.90 1.47 19.01
C PRO A 226 5.97 2.41 18.45
N SER A 227 5.91 3.65 18.94
CA SER A 227 6.64 4.78 18.41
C SER A 227 8.14 4.56 18.50
N GLU A 228 8.87 5.05 17.49
CA GLU A 228 10.31 4.96 17.44
C GLU A 228 10.91 6.35 17.25
N VAL A 229 12.13 6.56 17.76
CA VAL A 229 12.90 7.77 17.47
C VAL A 229 14.36 7.40 17.27
N ALA A 230 14.98 8.00 16.25
CA ALA A 230 16.43 7.97 16.06
C ALA A 230 16.94 9.40 15.95
N VAL A 231 18.11 9.66 16.57
CA VAL A 231 18.80 10.93 16.45
C VAL A 231 20.17 10.66 15.86
N ILE A 232 20.48 11.38 14.77
CA ILE A 232 21.82 11.51 14.25
C ILE A 232 22.44 12.78 14.81
N ALA A 233 23.63 12.66 15.42
CA ALA A 233 24.31 13.80 16.01
C ALA A 233 25.81 13.73 15.74
N ASP A 234 26.42 14.91 15.55
CA ASP A 234 27.85 15.06 15.50
C ASP A 234 28.27 15.90 16.70
N GLU A 235 29.50 16.43 16.66
CA GLU A 235 30.09 17.12 17.81
C GLU A 235 29.37 18.44 18.07
N THR A 236 28.61 18.96 17.09
CA THR A 236 27.92 20.24 17.20
C THR A 236 26.62 20.12 18.01
N ALA A 237 26.16 18.90 18.28
CA ALA A 237 24.86 18.71 18.91
C ALA A 237 24.94 19.02 20.40
N ASP A 238 23.77 19.33 20.99
CA ASP A 238 23.65 19.62 22.41
C ASP A 238 23.10 18.38 23.12
N PRO A 239 23.90 17.71 23.99
CA PRO A 239 23.47 16.48 24.65
C PRO A 239 22.19 16.61 25.49
N ALA A 240 21.94 17.78 26.07
CA ALA A 240 20.75 17.99 26.89
C ALA A 240 19.50 17.88 26.02
N ILE A 241 19.58 18.41 24.79
CA ILE A 241 18.46 18.40 23.87
C ILE A 241 18.28 16.99 23.30
N VAL A 242 19.39 16.38 22.88
CA VAL A 242 19.33 15.04 22.32
C VAL A 242 18.69 14.10 23.34
N ALA A 243 19.14 14.19 24.59
CA ALA A 243 18.63 13.32 25.65
C ALA A 243 17.14 13.56 25.90
N SER A 244 16.75 14.83 26.01
CA SER A 244 15.37 15.23 26.15
C SER A 244 14.52 14.62 25.03
N ASP A 245 15.01 14.67 23.79
CA ASP A 245 14.28 14.21 22.63
C ASP A 245 14.08 12.70 22.65
N LEU A 246 15.12 11.96 23.06
CA LEU A 246 15.04 10.51 23.14
C LEU A 246 14.00 10.12 24.18
N VAL A 247 14.05 10.78 25.33
CA VAL A 247 13.15 10.50 26.44
C VAL A 247 11.72 10.85 26.03
N GLY A 248 11.58 11.89 25.20
CA GLY A 248 10.29 12.30 24.68
C GLY A 248 9.52 11.14 24.07
N GLN A 249 10.16 10.33 23.22
CA GLN A 249 9.44 9.25 22.58
C GLN A 249 9.43 7.97 23.42
N ALA A 250 10.36 7.84 24.38
CA ALA A 250 10.47 6.62 25.19
C ALA A 250 9.27 6.51 26.13
N GLU A 251 8.68 7.66 26.48
CA GLU A 251 7.55 7.69 27.39
C GLU A 251 6.31 7.08 26.75
N HIS A 252 6.30 6.90 25.42
CA HIS A 252 5.15 6.32 24.74
C HIS A 252 4.77 4.94 25.30
N GLY A 253 5.78 4.16 25.72
CA GLY A 253 5.50 2.83 26.25
C GLY A 253 6.74 1.97 26.34
N HIS A 254 6.55 0.79 26.94
CA HIS A 254 7.64 -0.13 27.26
C HIS A 254 8.34 -0.63 25.99
N GLU A 255 7.66 -0.55 24.83
CA GLU A 255 8.17 -1.15 23.61
C GLU A 255 8.73 -0.14 22.62
N SER A 256 8.80 1.15 23.02
CA SER A 256 9.20 2.24 22.14
C SER A 256 10.71 2.40 22.09
N PRO A 257 11.39 2.06 20.96
CA PRO A 257 12.84 2.17 20.86
C PRO A 257 13.33 3.60 20.60
N ALA A 258 14.39 3.97 21.31
CA ALA A 258 15.07 5.23 21.11
C ALA A 258 16.52 4.95 20.73
N TRP A 259 16.94 5.47 19.57
CA TRP A 259 18.24 5.19 19.01
C TRP A 259 19.04 6.49 18.83
N LEU A 260 20.34 6.41 19.15
CA LEU A 260 21.29 7.49 18.91
C LEU A 260 22.41 6.94 18.03
N PHE A 261 22.59 7.57 16.87
CA PHE A 261 23.71 7.34 15.98
C PHE A 261 24.57 8.59 15.96
N THR A 262 25.88 8.47 16.30
CA THR A 262 26.74 9.63 16.45
C THR A 262 28.18 9.31 16.03
N THR A 263 28.88 10.37 15.60
CA THR A 263 30.32 10.33 15.34
C THR A 263 31.09 10.94 16.50
N SER A 264 30.41 11.33 17.60
CA SER A 264 31.05 11.96 18.76
C SER A 264 30.86 11.11 20.01
N ARG A 265 31.97 10.65 20.59
CA ARG A 265 31.93 9.85 21.81
C ARG A 265 31.49 10.69 23.00
N ASP A 266 31.95 11.95 23.06
CA ASP A 266 31.60 12.81 24.17
C ASP A 266 30.09 13.01 24.23
N LEU A 267 29.47 13.27 23.06
CA LEU A 267 28.03 13.43 22.96
C LEU A 267 27.33 12.15 23.45
N ALA A 268 27.81 11.00 22.98
CA ALA A 268 27.27 9.71 23.38
C ALA A 268 27.27 9.55 24.90
N ASP A 269 28.43 9.83 25.55
CA ASP A 269 28.60 9.58 26.97
C ASP A 269 27.68 10.47 27.80
N ARG A 270 27.61 11.74 27.44
CA ARG A 270 26.79 12.71 28.17
C ARG A 270 25.30 12.36 28.02
N VAL A 271 24.90 11.94 26.82
CA VAL A 271 23.52 11.52 26.60
C VAL A 271 23.21 10.29 27.45
N MET A 272 24.13 9.31 27.48
CA MET A 272 23.89 8.07 28.22
C MET A 272 23.83 8.33 29.73
N ALA A 273 24.54 9.35 30.21
CA ALA A 273 24.45 9.78 31.60
C ALA A 273 23.13 10.50 31.86
N LEU A 274 22.66 11.33 30.90
CA LEU A 274 21.53 12.23 31.10
C LEU A 274 20.19 11.49 31.03
N VAL A 275 20.05 10.56 30.07
CA VAL A 275 18.76 9.96 29.82
C VAL A 275 18.18 9.41 31.11
N PRO A 276 18.93 8.59 31.91
CA PRO A 276 18.40 8.08 33.17
C PRO A 276 17.96 9.17 34.15
N GLU A 277 18.73 10.27 34.20
CA GLU A 277 18.43 11.36 35.11
C GLU A 277 17.10 11.99 34.70
N LEU A 278 16.92 12.24 33.40
CA LEU A 278 15.71 12.85 32.88
C LEU A 278 14.49 11.95 33.14
N ILE A 279 14.65 10.65 32.93
CA ILE A 279 13.56 9.70 33.13
C ILE A 279 13.10 9.72 34.60
N ALA A 280 14.06 9.75 35.53
CA ALA A 280 13.77 9.74 36.95
C ALA A 280 12.92 10.95 37.35
N LYS A 281 13.03 12.06 36.59
CA LYS A 281 12.33 13.29 36.91
C LYS A 281 10.91 13.31 36.35
N LEU A 282 10.51 12.27 35.61
CA LEU A 282 9.20 12.21 34.99
C LEU A 282 8.15 11.75 36.01
N PRO A 283 6.85 12.07 35.76
CA PRO A 283 5.76 11.53 36.56
C PRO A 283 5.60 10.03 36.35
N PRO A 284 4.87 9.31 37.25
CA PRO A 284 4.84 7.84 37.26
C PRO A 284 4.55 7.07 35.97
N THR A 285 3.48 7.44 35.25
CA THR A 285 3.12 6.73 34.04
C THR A 285 4.26 6.80 33.03
N ALA A 286 4.75 8.01 32.76
CA ALA A 286 5.84 8.20 31.80
C ALA A 286 7.11 7.54 32.30
N ARG A 287 7.42 7.69 33.60
CA ARG A 287 8.64 7.12 34.17
C ARG A 287 8.65 5.61 34.00
N ASP A 288 7.53 4.96 34.29
CA ASP A 288 7.40 3.52 34.16
C ASP A 288 7.68 3.09 32.72
N ALA A 289 7.04 3.76 31.75
CA ALA A 289 7.18 3.42 30.35
C ALA A 289 8.61 3.61 29.88
N ALA A 290 9.18 4.79 30.15
CA ALA A 290 10.48 5.18 29.62
C ALA A 290 11.60 4.36 30.23
N THR A 291 11.50 4.05 31.53
CA THR A 291 12.52 3.25 32.20
C THR A 291 12.70 1.93 31.46
N ALA A 292 11.58 1.24 31.16
CA ALA A 292 11.63 -0.06 30.51
C ALA A 292 12.06 0.08 29.05
N ALA A 293 11.51 1.08 28.35
CA ALA A 293 11.81 1.29 26.94
C ALA A 293 13.30 1.55 26.76
N TRP A 294 13.85 2.50 27.51
CA TRP A 294 15.26 2.83 27.40
C TRP A 294 16.13 1.62 27.73
N ARG A 295 15.81 0.92 28.83
CA ARG A 295 16.61 -0.23 29.25
C ARG A 295 16.58 -1.33 28.18
N ASP A 296 15.38 -1.69 27.72
CA ASP A 296 15.19 -2.90 26.92
C ASP A 296 15.37 -2.65 25.43
N TYR A 297 15.11 -1.44 24.95
CA TYR A 297 15.02 -1.17 23.51
C TYR A 297 15.96 -0.05 23.08
N GLY A 298 16.43 0.77 24.01
CA GLY A 298 17.29 1.89 23.68
C GLY A 298 18.68 1.41 23.24
N GLU A 299 19.23 2.07 22.20
CA GLU A 299 20.56 1.75 21.71
C GLU A 299 21.33 3.01 21.34
N VAL A 300 22.67 2.93 21.44
CA VAL A 300 23.57 4.03 21.17
C VAL A 300 24.74 3.48 20.35
N ILE A 301 24.98 4.07 19.18
CA ILE A 301 25.93 3.52 18.22
C ILE A 301 26.92 4.61 17.80
N LEU A 302 28.20 4.30 17.94
CA LEU A 302 29.27 5.22 17.61
C LEU A 302 29.86 4.80 16.26
N CYS A 303 30.04 5.79 15.38
CA CYS A 303 30.49 5.55 14.03
C CYS A 303 31.69 6.45 13.74
N GLY A 304 32.52 6.05 12.78
CA GLY A 304 33.72 6.78 12.44
C GLY A 304 33.44 7.87 11.40
N THR A 305 32.47 7.62 10.50
CA THR A 305 32.24 8.52 9.38
C THR A 305 30.74 8.75 9.17
N ARG A 306 30.42 9.82 8.45
CA ARG A 306 29.04 10.15 8.12
C ARG A 306 28.41 9.01 7.31
N GLU A 307 29.23 8.40 6.43
CA GLU A 307 28.80 7.34 5.54
C GLU A 307 28.37 6.10 6.33
N GLU A 308 29.10 5.81 7.42
CA GLU A 308 28.74 4.71 8.30
C GLU A 308 27.43 5.03 9.03
N VAL A 309 27.23 6.31 9.42
CA VAL A 309 26.00 6.72 10.09
C VAL A 309 24.81 6.54 9.14
N VAL A 310 24.95 6.94 7.87
CA VAL A 310 23.91 6.76 6.87
C VAL A 310 23.59 5.27 6.70
N GLU A 311 24.64 4.43 6.61
CA GLU A 311 24.46 3.01 6.41
C GLU A 311 23.60 2.43 7.53
N ILE A 312 23.97 2.75 8.77
CA ILE A 312 23.31 2.21 9.95
C ILE A 312 21.90 2.79 10.08
N SER A 313 21.73 4.11 9.84
CA SER A 313 20.44 4.76 9.90
C SER A 313 19.48 4.13 8.89
N ASP A 314 19.95 3.96 7.65
CA ASP A 314 19.12 3.38 6.59
C ASP A 314 18.69 1.97 6.96
N ARG A 315 19.56 1.22 7.65
CA ARG A 315 19.24 -0.15 8.01
C ARG A 315 18.21 -0.18 9.13
N TYR A 316 18.31 0.74 10.11
CA TYR A 316 17.34 0.82 11.19
C TYR A 316 15.98 1.31 10.67
N ALA A 317 15.99 2.19 9.66
CA ALA A 317 14.76 2.64 9.01
C ALA A 317 13.77 3.18 10.05
N SER A 318 14.20 4.18 10.80
CA SER A 318 13.45 4.65 11.95
C SER A 318 12.18 5.39 11.50
N GLU A 319 11.12 5.23 12.29
CA GLU A 319 9.88 5.96 12.10
C GLU A 319 10.17 7.46 11.96
N ALA A 320 10.91 8.01 12.93
CA ALA A 320 11.23 9.42 12.99
C ALA A 320 12.72 9.60 13.22
N LEU A 321 13.30 10.56 12.50
CA LEU A 321 14.75 10.72 12.47
C LEU A 321 15.09 12.20 12.60
N GLU A 322 15.73 12.56 13.72
CA GLU A 322 16.29 13.89 13.90
C GLU A 322 17.76 13.92 13.47
N VAL A 323 18.18 15.05 12.92
CA VAL A 323 19.56 15.25 12.47
C VAL A 323 20.10 16.53 13.09
N HIS A 324 20.96 16.36 14.12
CA HIS A 324 21.64 17.48 14.76
C HIS A 324 23.10 17.48 14.34
N THR A 325 23.37 17.96 13.13
CA THR A 325 24.71 17.94 12.57
C THR A 325 24.95 19.28 11.89
N ALA A 326 26.20 19.54 11.51
CA ALA A 326 26.49 20.48 10.44
C ALA A 326 26.05 19.88 9.10
N ASP A 327 25.92 20.77 8.11
CA ASP A 327 25.80 20.39 6.71
C ASP A 327 24.55 19.53 6.51
N LEU A 328 23.39 20.11 6.80
CA LEU A 328 22.13 19.39 6.79
C LEU A 328 21.73 18.99 5.37
N ASP A 329 22.13 19.77 4.37
CA ASP A 329 21.83 19.43 2.98
C ASP A 329 22.40 18.07 2.59
N TRP A 330 23.60 17.76 3.10
CA TRP A 330 24.22 16.49 2.78
C TRP A 330 23.36 15.33 3.30
N TRP A 331 22.83 15.47 4.51
CA TRP A 331 22.05 14.42 5.15
C TRP A 331 20.71 14.24 4.45
N LEU A 332 20.08 15.34 4.04
CA LEU A 332 18.85 15.27 3.27
C LEU A 332 19.10 14.58 1.94
N ALA A 333 20.28 14.78 1.34
CA ALA A 333 20.59 14.20 0.05
C ALA A 333 20.87 12.70 0.15
N ASN A 334 21.39 12.23 1.28
CA ASN A 334 21.98 10.90 1.38
C ASN A 334 21.15 9.91 2.19
N LEU A 335 20.35 10.35 3.18
CA LEU A 335 19.50 9.44 3.94
C LEU A 335 18.37 8.94 3.04
N THR A 336 18.01 7.63 3.11
CA THR A 336 16.99 7.07 2.22
C THR A 336 15.88 6.34 2.96
N CYS A 337 16.08 5.90 4.23
CA CYS A 337 15.08 5.10 4.91
C CYS A 337 14.74 5.69 6.29
N TYR A 338 13.56 6.32 6.34
CA TYR A 338 13.01 6.92 7.53
C TYR A 338 11.56 7.26 7.20
N GLY A 339 10.71 7.41 8.21
CA GLY A 339 9.34 7.85 7.99
C GLY A 339 9.27 9.36 7.79
N SER A 340 9.83 10.10 8.75
CA SER A 340 9.77 11.54 8.76
C SER A 340 11.08 12.11 9.34
N LEU A 341 11.59 13.14 8.66
CA LEU A 341 12.93 13.66 8.91
C LEU A 341 12.83 15.05 9.54
N PHE A 342 13.58 15.26 10.63
CA PHE A 342 13.66 16.50 11.37
C PHE A 342 15.09 17.03 11.28
N LEU A 343 15.28 18.06 10.45
CA LEU A 343 16.60 18.60 10.17
C LEU A 343 16.90 19.79 11.10
N GLY A 344 18.05 19.71 11.77
CA GLY A 344 18.44 20.74 12.70
C GLY A 344 17.81 20.53 14.08
N GLU A 345 18.29 21.31 15.05
CA GLU A 345 17.90 21.14 16.43
C GLU A 345 16.55 21.80 16.71
N GLU A 346 16.16 22.77 15.88
CA GLU A 346 15.08 23.68 16.22
C GLU A 346 13.77 22.89 16.24
N THR A 347 13.50 22.16 15.16
CA THR A 347 12.35 21.26 15.14
C THR A 347 12.68 19.99 15.93
N THR A 348 11.64 19.21 16.22
CA THR A 348 11.76 18.01 17.03
C THR A 348 10.52 17.14 16.80
N VAL A 349 10.64 15.85 17.16
CA VAL A 349 9.61 14.88 16.85
C VAL A 349 8.29 15.30 17.49
N ALA A 350 8.33 15.82 18.72
CA ALA A 350 7.10 16.24 19.41
C ALA A 350 6.35 17.31 18.64
N PHE A 351 7.07 18.19 17.93
CA PHE A 351 6.43 19.23 17.13
C PHE A 351 5.70 18.58 15.97
N GLY A 352 6.36 17.64 15.30
CA GLY A 352 5.75 16.90 14.21
C GLY A 352 4.53 16.10 14.71
N ASP A 353 4.64 15.54 15.92
CA ASP A 353 3.56 14.80 16.53
C ASP A 353 2.29 15.66 16.65
N LYS A 354 2.44 16.94 17.02
CA LYS A 354 1.28 17.73 17.41
C LYS A 354 0.84 18.74 16.34
N THR A 355 1.75 19.48 15.68
CA THR A 355 1.30 20.65 14.94
C THR A 355 2.22 21.19 13.84
N SER A 356 3.37 20.56 13.53
CA SER A 356 4.27 21.07 12.48
C SER A 356 3.54 21.17 11.13
N GLY A 357 2.84 20.09 10.80
CA GLY A 357 2.08 20.00 9.57
C GLY A 357 2.16 18.60 8.96
N PRO A 358 3.36 18.10 8.61
CA PRO A 358 3.49 16.75 8.07
C PRO A 358 2.89 15.73 9.05
N ASN A 359 2.34 14.66 8.48
CA ASN A 359 1.66 13.62 9.24
C ASN A 359 2.61 12.95 10.23
N HIS A 360 2.07 12.61 11.41
CA HIS A 360 2.82 11.89 12.43
C HIS A 360 2.55 10.39 12.42
N VAL A 361 1.59 9.92 11.60
CA VAL A 361 1.27 8.50 11.56
C VAL A 361 2.26 7.84 10.60
N LEU A 362 3.21 7.09 11.15
CA LEU A 362 4.43 6.81 10.42
C LEU A 362 4.83 5.34 10.55
N PRO A 363 5.58 4.81 9.55
CA PRO A 363 6.03 3.40 9.56
C PRO A 363 6.95 3.04 10.72
N THR A 364 6.67 1.90 11.35
CA THR A 364 7.54 1.34 12.37
C THR A 364 8.01 -0.05 11.92
N LYS A 365 8.92 -0.63 12.72
CA LYS A 365 9.40 -1.99 12.53
C LYS A 365 9.92 -2.16 11.10
N GLY A 366 10.64 -1.18 10.58
CA GLY A 366 11.32 -1.31 9.30
C GLY A 366 10.43 -1.03 8.10
N ALA A 367 9.18 -0.64 8.32
CA ALA A 367 8.29 -0.40 7.19
C ALA A 367 8.76 0.80 6.35
N ALA A 368 9.58 1.69 6.93
CA ALA A 368 10.11 2.82 6.17
C ALA A 368 11.03 2.34 5.05
N ARG A 369 11.36 1.04 4.99
CA ARG A 369 12.07 0.49 3.86
C ARG A 369 11.22 0.52 2.60
N TYR A 370 9.88 0.58 2.74
CA TYR A 370 9.04 0.50 1.56
C TYR A 370 7.92 1.54 1.52
N SER A 371 7.72 2.33 2.58
CA SER A 371 6.59 3.24 2.62
C SER A 371 6.89 4.43 3.52
N GLY A 372 6.37 5.60 3.11
CA GLY A 372 6.20 6.74 3.99
C GLY A 372 4.98 6.57 4.89
N GLY A 373 4.62 7.65 5.59
CA GLY A 373 3.54 7.62 6.56
C GLY A 373 2.17 7.83 5.91
N LEU A 374 1.16 7.98 6.76
CA LEU A 374 -0.16 8.41 6.34
C LEU A 374 0.00 9.77 5.66
N SER A 375 -0.74 9.94 4.56
CA SER A 375 -0.76 11.15 3.78
C SER A 375 -1.97 11.06 2.84
N VAL A 376 -2.26 12.14 2.13
CA VAL A 376 -3.31 12.13 1.13
C VAL A 376 -3.05 11.05 0.08
N HIS A 377 -1.77 10.70 -0.16
CA HIS A 377 -1.41 9.68 -1.14
C HIS A 377 -2.04 8.33 -0.80
N LYS A 378 -2.27 8.05 0.49
CA LYS A 378 -2.81 6.77 0.90
C LYS A 378 -4.31 6.67 0.63
N PHE A 379 -4.96 7.80 0.30
CA PHE A 379 -6.40 7.84 0.04
C PHE A 379 -6.70 8.05 -1.44
N MET A 380 -5.66 8.25 -2.26
CA MET A 380 -5.80 8.55 -3.68
C MET A 380 -5.42 7.32 -4.50
N LYS A 381 -6.34 6.87 -5.36
CA LYS A 381 -6.06 5.75 -6.25
C LYS A 381 -5.49 6.28 -7.56
N THR A 382 -4.39 5.69 -8.03
CA THR A 382 -3.85 6.02 -9.33
C THR A 382 -4.21 4.91 -10.29
N LEU A 383 -5.23 5.18 -11.11
CA LEU A 383 -5.76 4.23 -12.07
C LEU A 383 -5.32 4.65 -13.47
N THR A 384 -5.33 3.69 -14.41
CA THR A 384 -4.93 3.95 -15.77
C THR A 384 -6.13 3.78 -16.69
N TRP A 385 -6.14 4.57 -17.76
CA TRP A 385 -7.13 4.45 -18.81
C TRP A 385 -6.42 4.53 -20.16
N GLN A 386 -7.07 4.00 -21.20
CA GLN A 386 -6.50 4.05 -22.54
C GLN A 386 -7.63 4.04 -23.57
N GLN A 387 -7.30 4.53 -24.76
CA GLN A 387 -8.21 4.57 -25.89
C GLN A 387 -7.36 4.53 -27.16
N MET A 388 -7.87 3.87 -28.20
CA MET A 388 -7.10 3.68 -29.41
C MET A 388 -7.92 4.05 -30.64
N THR A 389 -7.22 4.52 -31.68
CA THR A 389 -7.75 4.57 -33.03
C THR A 389 -7.73 3.14 -33.59
N ARG A 390 -8.52 2.90 -34.64
CA ARG A 390 -8.46 1.63 -35.34
C ARG A 390 -7.05 1.40 -35.88
N GLU A 391 -6.44 2.43 -36.47
CA GLU A 391 -5.09 2.35 -37.03
C GLU A 391 -4.07 1.82 -36.02
N ALA A 392 -4.13 2.30 -34.77
CA ALA A 392 -3.23 1.85 -33.73
C ALA A 392 -3.28 0.33 -33.54
N THR A 393 -4.44 -0.30 -33.79
CA THR A 393 -4.63 -1.73 -33.52
C THR A 393 -3.91 -2.61 -34.54
N ARG A 394 -3.42 -2.03 -35.65
CA ARG A 394 -2.67 -2.80 -36.63
C ARG A 394 -1.38 -3.34 -35.99
N GLN A 395 -0.64 -2.46 -35.33
CA GLN A 395 0.61 -2.83 -34.65
C GLN A 395 0.29 -3.55 -33.35
N ILE A 396 -0.58 -2.95 -32.54
CA ILE A 396 -0.83 -3.41 -31.18
C ILE A 396 -1.49 -4.79 -31.23
N GLY A 397 -2.48 -4.94 -32.10
CA GLY A 397 -3.19 -6.20 -32.29
C GLY A 397 -2.28 -7.35 -32.72
N GLN A 398 -1.39 -7.13 -33.69
CA GLN A 398 -0.56 -8.22 -34.18
C GLN A 398 0.44 -8.65 -33.12
N VAL A 399 1.00 -7.70 -32.36
CA VAL A 399 1.94 -8.03 -31.31
C VAL A 399 1.22 -8.78 -30.19
N THR A 400 0.00 -8.35 -29.88
CA THR A 400 -0.83 -8.99 -28.87
C THR A 400 -1.09 -10.44 -29.27
N ALA A 401 -1.53 -10.65 -30.52
CA ALA A 401 -1.90 -11.99 -30.96
C ALA A 401 -0.69 -12.92 -30.91
N ARG A 402 0.47 -12.44 -31.38
CA ARG A 402 1.67 -13.27 -31.40
C ARG A 402 2.11 -13.59 -29.98
N ILE A 403 2.15 -12.58 -29.09
CA ILE A 403 2.61 -12.82 -27.74
C ILE A 403 1.61 -13.74 -27.04
N SER A 404 0.32 -13.46 -27.18
CA SER A 404 -0.70 -14.31 -26.60
C SER A 404 -0.45 -15.77 -26.95
N ARG A 405 -0.23 -16.04 -28.25
CA ARG A 405 -0.10 -17.41 -28.71
C ARG A 405 1.18 -18.03 -28.21
N LEU A 406 2.26 -17.25 -28.07
CA LEU A 406 3.47 -17.73 -27.44
C LEU A 406 3.21 -18.18 -26.01
N GLU A 407 2.27 -17.51 -25.32
CA GLU A 407 1.98 -17.84 -23.93
C GLU A 407 1.06 -19.07 -23.84
N GLY A 408 0.33 -19.37 -24.93
CA GLY A 408 -0.66 -20.43 -24.96
C GLY A 408 -2.10 -19.91 -24.86
N MET A 409 -2.26 -18.59 -24.91
CA MET A 409 -3.54 -17.94 -24.63
C MET A 409 -4.25 -17.63 -25.94
N GLU A 410 -4.95 -18.63 -26.46
CA GLU A 410 -5.57 -18.56 -27.77
C GLU A 410 -6.75 -17.59 -27.81
N ALA A 411 -7.58 -17.57 -26.76
CA ALA A 411 -8.76 -16.72 -26.73
C ALA A 411 -8.35 -15.24 -26.71
N HIS A 412 -7.28 -14.93 -25.95
CA HIS A 412 -6.72 -13.59 -25.94
C HIS A 412 -6.37 -13.15 -27.37
N ALA A 413 -5.65 -14.03 -28.08
CA ALA A 413 -5.24 -13.77 -29.45
C ALA A 413 -6.44 -13.53 -30.36
N ARG A 414 -7.55 -14.23 -30.10
CA ARG A 414 -8.74 -14.11 -30.93
C ARG A 414 -9.40 -12.75 -30.79
N THR A 415 -9.24 -12.08 -29.64
CA THR A 415 -9.80 -10.74 -29.50
C THR A 415 -9.07 -9.78 -30.44
N ALA A 416 -7.79 -10.04 -30.72
CA ALA A 416 -7.03 -9.29 -31.71
C ALA A 416 -7.43 -9.66 -33.13
N ASP A 417 -7.49 -10.98 -33.41
CA ASP A 417 -7.94 -11.49 -34.70
C ASP A 417 -9.26 -10.85 -35.12
N ASP A 418 -10.23 -10.80 -34.19
CA ASP A 418 -11.57 -10.34 -34.48
C ASP A 418 -11.57 -8.85 -34.84
N ARG A 419 -10.74 -8.07 -34.14
CA ARG A 419 -10.62 -6.66 -34.46
C ARG A 419 -9.93 -6.48 -35.82
N MET A 420 -8.89 -7.27 -36.09
CA MET A 420 -8.19 -7.11 -37.37
C MET A 420 -9.15 -7.43 -38.53
N ALA A 421 -9.96 -8.49 -38.38
CA ALA A 421 -10.91 -8.90 -39.42
C ALA A 421 -12.01 -7.85 -39.61
N LYS A 422 -12.45 -7.24 -38.51
CA LYS A 422 -13.50 -6.24 -38.57
C LYS A 422 -12.98 -4.92 -39.13
N TYR A 423 -11.82 -4.46 -38.64
CA TYR A 423 -11.40 -3.11 -38.95
C TYR A 423 -10.63 -3.10 -40.27
N PHE A 424 -9.87 -4.18 -40.54
CA PHE A 424 -8.98 -4.24 -41.68
C PHE A 424 -9.09 -5.62 -42.36
N PRO A 425 -10.24 -5.94 -42.99
CA PRO A 425 -10.43 -7.28 -43.57
C PRO A 425 -9.41 -7.74 -44.60
N ASN A 426 -8.75 -6.79 -45.29
CA ASN A 426 -7.82 -7.13 -46.36
C ASN A 426 -6.38 -7.17 -45.89
N ALA A 427 -6.10 -6.80 -44.64
CA ALA A 427 -4.73 -6.84 -44.13
C ALA A 427 -4.32 -8.29 -43.94
N SER A 428 -3.04 -8.58 -44.13
CA SER A 428 -2.47 -9.89 -43.81
C SER A 428 -1.27 -9.67 -42.93
N PHE A 429 -1.42 -10.03 -41.64
CA PHE A 429 -0.33 -9.95 -40.69
C PHE A 429 -0.07 -11.35 -40.15
N GLU A 430 1.14 -11.57 -39.65
CA GLU A 430 1.42 -12.78 -38.89
C GLU A 430 0.79 -12.60 -37.52
N MET A 431 -0.24 -13.41 -37.23
CA MET A 431 -0.99 -13.31 -35.99
C MET A 431 -0.61 -14.44 -35.05
N GLY A 432 0.34 -15.29 -35.47
CA GLY A 432 0.84 -16.39 -34.67
C GLY A 432 0.16 -17.71 -35.02
N THR A 433 0.87 -18.82 -34.79
CA THR A 433 0.35 -20.16 -34.98
C THR A 433 -0.72 -20.42 -33.92
N PRO A 434 -1.98 -20.71 -34.29
CA PRO A 434 -3.02 -21.03 -33.32
C PRO A 434 -2.63 -22.17 -32.38
N VAL A 435 -3.03 -22.04 -31.11
CA VAL A 435 -2.79 -23.06 -30.11
C VAL A 435 -3.73 -24.24 -30.39
N GLU A 436 -3.21 -25.46 -30.21
CA GLU A 436 -3.95 -26.68 -30.49
C GLU A 436 -4.19 -27.50 -29.24
N VAL A 437 -3.44 -27.24 -28.16
CA VAL A 437 -3.50 -28.04 -26.93
C VAL A 437 -4.32 -27.30 -25.86
N ILE B 3 -32.65 -2.77 -12.26
CA ILE B 3 -31.43 -3.64 -12.27
C ILE B 3 -31.85 -5.10 -12.15
N SER B 4 -31.51 -5.91 -13.15
CA SER B 4 -31.92 -7.30 -13.21
C SER B 4 -30.77 -8.16 -13.69
N TYR B 5 -30.54 -9.29 -12.99
CA TYR B 5 -29.50 -10.25 -13.32
C TYR B 5 -30.01 -11.24 -14.37
N LEU B 6 -29.53 -11.12 -15.61
CA LEU B 6 -29.89 -12.06 -16.67
C LEU B 6 -29.02 -13.30 -16.58
N LYS B 7 -27.85 -13.20 -15.93
CA LYS B 7 -27.08 -14.37 -15.56
C LYS B 7 -26.47 -14.11 -14.19
N LYS B 8 -26.75 -15.00 -13.24
CA LYS B 8 -26.22 -14.98 -11.89
C LYS B 8 -25.20 -16.09 -11.74
N ALA B 9 -24.10 -15.83 -11.01
CA ALA B 9 -23.04 -16.79 -10.81
C ALA B 9 -23.26 -17.57 -9.52
N GLU B 10 -22.84 -18.84 -9.48
CA GLU B 10 -22.79 -19.62 -8.25
C GLU B 10 -21.61 -19.20 -7.37
N LYS B 11 -20.50 -18.74 -7.99
CA LYS B 11 -19.28 -18.47 -7.25
C LYS B 11 -18.80 -17.06 -7.54
N THR B 12 -18.02 -16.50 -6.59
CA THR B 12 -17.41 -15.18 -6.72
C THR B 12 -15.92 -15.30 -6.36
N PRO B 13 -15.10 -14.24 -6.61
CA PRO B 13 -13.70 -14.21 -6.15
C PRO B 13 -13.48 -14.56 -4.67
N GLN B 14 -14.52 -14.39 -3.84
CA GLN B 14 -14.47 -14.74 -2.42
C GLN B 14 -14.58 -16.25 -2.19
N THR B 15 -15.14 -17.03 -3.14
CA THR B 15 -15.55 -18.40 -2.88
C THR B 15 -14.35 -19.23 -2.40
N GLU B 16 -13.17 -19.04 -3.02
CA GLU B 16 -12.04 -19.92 -2.79
C GLU B 16 -11.09 -19.38 -1.71
N THR B 17 -11.51 -18.33 -0.99
CA THR B 17 -10.63 -17.64 -0.05
C THR B 17 -10.09 -18.59 1.01
N ALA B 18 -10.99 -19.38 1.63
CA ALA B 18 -10.61 -20.18 2.79
C ALA B 18 -9.59 -21.26 2.39
N THR B 19 -9.77 -21.88 1.22
CA THR B 19 -8.84 -22.88 0.74
C THR B 19 -7.46 -22.25 0.57
N ALA B 20 -7.41 -21.07 -0.08
CA ALA B 20 -6.16 -20.38 -0.31
C ALA B 20 -5.48 -20.05 1.03
N GLN B 21 -6.24 -19.53 2.00
CA GLN B 21 -5.66 -19.07 3.25
C GLN B 21 -5.16 -20.25 4.08
N LYS B 22 -5.84 -21.40 3.96
CA LYS B 22 -5.43 -22.60 4.67
C LYS B 22 -4.06 -23.07 4.17
N VAL B 23 -3.93 -23.21 2.84
CA VAL B 23 -2.68 -23.67 2.24
C VAL B 23 -1.54 -22.69 2.57
N VAL B 24 -1.82 -21.39 2.49
CA VAL B 24 -0.77 -20.39 2.64
C VAL B 24 -0.26 -20.39 4.08
N THR B 25 -1.19 -20.52 5.06
CA THR B 25 -0.82 -20.49 6.47
C THR B 25 0.12 -21.66 6.79
N GLU B 26 -0.22 -22.86 6.30
CA GLU B 26 0.60 -24.06 6.47
C GLU B 26 1.99 -23.85 5.86
N MET B 27 2.03 -23.48 4.57
CA MET B 27 3.29 -23.38 3.84
C MET B 27 4.18 -22.32 4.45
N LEU B 28 3.61 -21.16 4.82
CA LEU B 28 4.42 -20.08 5.39
C LEU B 28 4.99 -20.53 6.74
N ALA B 29 4.20 -21.25 7.54
CA ALA B 29 4.68 -21.71 8.83
C ALA B 29 5.92 -22.58 8.63
N GLU B 30 5.79 -23.54 7.71
CA GLU B 30 6.87 -24.44 7.36
C GLU B 30 8.12 -23.68 6.91
N ILE B 31 7.95 -22.66 6.06
CA ILE B 31 9.07 -21.97 5.45
C ILE B 31 9.79 -21.08 6.47
N GLN B 32 9.02 -20.41 7.34
CA GLN B 32 9.58 -19.63 8.43
C GLN B 32 10.46 -20.52 9.31
N ALA B 33 9.99 -21.74 9.57
CA ALA B 33 10.66 -22.66 10.48
C ALA B 33 11.85 -23.34 9.81
N ARG B 34 11.69 -23.78 8.55
CA ARG B 34 12.69 -24.64 7.92
C ARG B 34 13.38 -23.98 6.74
N GLY B 35 13.03 -22.73 6.40
CA GLY B 35 13.79 -21.94 5.44
C GLY B 35 13.96 -22.63 4.08
N LYS B 36 15.21 -22.67 3.59
CA LYS B 36 15.52 -23.11 2.24
C LYS B 36 15.16 -24.58 1.99
N ASP B 37 15.29 -25.41 3.02
CA ASP B 37 14.99 -26.83 2.89
C ASP B 37 13.51 -27.03 2.61
N ALA B 38 12.65 -26.24 3.29
CA ALA B 38 11.22 -26.32 3.07
C ALA B 38 10.89 -25.92 1.64
N VAL B 39 11.58 -24.89 1.13
CA VAL B 39 11.33 -24.39 -0.21
C VAL B 39 11.74 -25.41 -1.26
N ARG B 40 12.93 -26.01 -1.12
CA ARG B 40 13.39 -27.00 -2.08
C ARG B 40 12.43 -28.19 -2.10
N GLN B 41 11.95 -28.59 -0.91
CA GLN B 41 11.02 -29.71 -0.79
C GLN B 41 9.66 -29.40 -1.44
N TYR B 42 9.15 -28.17 -1.23
CA TYR B 42 7.91 -27.74 -1.86
C TYR B 42 8.10 -27.69 -3.38
N ALA B 43 9.28 -27.24 -3.82
CA ALA B 43 9.58 -27.16 -5.24
C ALA B 43 9.57 -28.55 -5.87
N LYS B 44 10.15 -29.52 -5.15
CA LYS B 44 10.16 -30.92 -5.54
C LYS B 44 8.73 -31.45 -5.65
N GLN B 45 7.97 -31.42 -4.55
CA GLN B 45 6.70 -32.12 -4.48
C GLN B 45 5.61 -31.41 -5.29
N LEU B 46 5.61 -30.06 -5.32
CA LEU B 46 4.61 -29.31 -6.05
C LEU B 46 4.95 -29.26 -7.53
N ASP B 47 6.20 -28.92 -7.88
CA ASP B 47 6.55 -28.59 -9.25
C ASP B 47 7.53 -29.61 -9.85
N GLY B 48 7.79 -30.71 -9.14
CA GLY B 48 8.63 -31.78 -9.65
C GLY B 48 10.05 -31.30 -9.94
N TRP B 49 10.55 -30.34 -9.14
CA TRP B 49 11.80 -29.66 -9.46
C TRP B 49 12.87 -30.04 -8.45
N SER B 50 14.00 -30.57 -8.95
CA SER B 50 15.15 -30.94 -8.12
C SER B 50 16.38 -30.14 -8.51
N GLY B 51 16.26 -29.31 -9.57
CA GLY B 51 17.40 -28.59 -10.11
C GLY B 51 17.88 -27.47 -9.19
N ASP B 52 18.84 -26.70 -9.68
CA ASP B 52 19.28 -25.49 -9.02
C ASP B 52 18.17 -24.45 -9.13
N ILE B 53 18.11 -23.56 -8.14
CA ILE B 53 17.01 -22.61 -8.04
C ILE B 53 17.43 -21.27 -8.62
N VAL B 54 18.61 -20.77 -8.22
CA VAL B 54 19.15 -19.53 -8.76
C VAL B 54 19.86 -19.87 -10.06
N LEU B 55 19.43 -19.25 -11.17
CA LEU B 55 20.05 -19.47 -12.47
C LEU B 55 21.36 -18.68 -12.51
N THR B 56 22.39 -19.29 -13.11
CA THR B 56 23.64 -18.59 -13.38
C THR B 56 23.49 -17.88 -14.72
N PRO B 57 24.32 -16.85 -14.99
CA PRO B 57 24.37 -16.24 -16.33
C PRO B 57 24.51 -17.24 -17.48
N ASP B 58 25.30 -18.30 -17.24
CA ASP B 58 25.49 -19.38 -18.20
C ASP B 58 24.19 -20.08 -18.51
N GLN B 59 23.45 -20.46 -17.46
CA GLN B 59 22.18 -21.17 -17.64
C GLN B 59 21.18 -20.31 -18.41
N ILE B 60 21.13 -19.01 -18.10
CA ILE B 60 20.20 -18.10 -18.72
C ILE B 60 20.52 -17.99 -20.22
N ARG B 61 21.80 -17.75 -20.51
CA ARG B 61 22.27 -17.65 -21.89
C ARG B 61 21.93 -18.91 -22.67
N GLU B 62 22.25 -20.06 -22.05
CA GLU B 62 21.99 -21.37 -22.62
C GLU B 62 20.49 -21.55 -22.92
N GLN B 63 19.64 -21.22 -21.93
CA GLN B 63 18.22 -21.54 -22.03
C GLN B 63 17.49 -20.61 -22.98
N THR B 64 18.12 -19.48 -23.40
CA THR B 64 17.49 -18.54 -24.30
C THR B 64 18.23 -18.42 -25.64
N LYS B 65 19.28 -19.24 -25.85
CA LYS B 65 20.14 -19.09 -27.02
C LYS B 65 19.33 -19.21 -28.32
N ASP B 66 18.31 -20.09 -28.35
CA ASP B 66 17.55 -20.36 -29.56
C ASP B 66 16.26 -19.54 -29.68
N VAL B 67 16.07 -18.52 -28.82
CA VAL B 67 14.86 -17.71 -28.89
C VAL B 67 14.93 -16.86 -30.17
N PRO B 68 14.01 -17.04 -31.15
CA PRO B 68 14.07 -16.37 -32.44
C PRO B 68 14.04 -14.84 -32.35
N ALA B 69 14.58 -14.18 -33.39
CA ALA B 69 14.68 -12.73 -33.47
C ALA B 69 13.30 -12.07 -33.47
N GLY B 70 12.32 -12.69 -34.14
CA GLY B 70 10.99 -12.12 -34.27
C GLY B 70 10.25 -12.14 -32.94
N VAL B 71 10.52 -13.18 -32.13
CA VAL B 71 10.00 -13.26 -30.77
C VAL B 71 10.63 -12.15 -29.92
N ARG B 72 11.94 -12.00 -30.01
CA ARG B 72 12.65 -10.99 -29.24
C ARG B 72 12.15 -9.60 -29.64
N ALA B 73 11.89 -9.37 -30.93
CA ALA B 73 11.42 -8.08 -31.40
C ALA B 73 10.05 -7.71 -30.79
N ASP B 74 9.15 -8.70 -30.69
CA ASP B 74 7.84 -8.46 -30.12
C ASP B 74 7.97 -8.10 -28.63
N ILE B 75 8.77 -8.89 -27.89
CA ILE B 75 8.91 -8.67 -26.46
C ILE B 75 9.60 -7.33 -26.19
N ASP B 76 10.66 -7.02 -26.94
CA ASP B 76 11.36 -5.75 -26.82
C ASP B 76 10.43 -4.57 -27.10
N PHE B 77 9.54 -4.70 -28.10
CA PHE B 77 8.57 -3.66 -28.41
C PHE B 77 7.64 -3.43 -27.22
N ALA B 78 7.13 -4.53 -26.64
CA ALA B 78 6.26 -4.46 -25.47
C ALA B 78 6.99 -3.83 -24.28
N ILE B 79 8.26 -4.23 -24.07
CA ILE B 79 9.06 -3.65 -22.99
C ILE B 79 9.14 -2.13 -23.16
N ARG B 80 9.27 -1.66 -24.41
CA ARG B 80 9.42 -0.24 -24.66
C ARG B 80 8.14 0.51 -24.31
N GLN B 81 6.98 -0.04 -24.68
CA GLN B 81 5.70 0.60 -24.40
C GLN B 81 5.47 0.70 -22.90
N VAL B 82 5.72 -0.41 -22.18
CA VAL B 82 5.59 -0.44 -20.74
C VAL B 82 6.52 0.60 -20.12
N THR B 83 7.79 0.65 -20.58
CA THR B 83 8.78 1.56 -20.04
C THR B 83 8.39 3.02 -20.27
N ASP B 84 7.87 3.32 -21.46
CA ASP B 84 7.49 4.68 -21.79
C ASP B 84 6.36 5.16 -20.89
N PHE B 85 5.33 4.33 -20.71
CA PHE B 85 4.24 4.71 -19.84
C PHE B 85 4.71 4.82 -18.37
N ALA B 86 5.59 3.92 -17.94
CA ALA B 86 6.13 3.94 -16.58
C ALA B 86 6.88 5.25 -16.30
N LEU B 87 7.71 5.69 -17.26
CA LEU B 87 8.46 6.93 -17.11
C LEU B 87 7.53 8.14 -17.09
N ALA B 88 6.40 8.08 -17.81
CA ALA B 88 5.41 9.14 -17.74
C ALA B 88 4.78 9.17 -16.34
N GLN B 89 4.47 8.01 -15.77
CA GLN B 89 3.88 7.97 -14.44
C GLN B 89 4.85 8.50 -13.40
N ARG B 90 6.15 8.17 -13.56
CA ARG B 90 7.18 8.64 -12.66
C ARG B 90 7.20 10.17 -12.61
N GLU B 91 7.00 10.83 -13.75
CA GLU B 91 7.01 12.29 -13.82
C GLU B 91 5.82 12.89 -13.10
N SER B 92 4.74 12.12 -12.91
CA SER B 92 3.50 12.62 -12.34
C SER B 92 3.60 12.87 -10.82
N LEU B 93 4.63 12.35 -10.15
CA LEU B 93 4.77 12.47 -8.70
C LEU B 93 6.04 13.26 -8.40
N LYS B 94 5.88 14.43 -7.79
CA LYS B 94 6.97 15.39 -7.71
C LYS B 94 7.38 15.64 -6.25
N GLU B 95 8.66 15.97 -6.09
CA GLU B 95 9.20 16.47 -4.84
C GLU B 95 8.81 17.94 -4.71
N PHE B 96 8.79 18.45 -3.47
CA PHE B 96 8.48 19.86 -3.26
C PHE B 96 8.90 20.23 -1.84
N SER B 97 8.95 21.54 -1.59
CA SER B 97 8.95 22.11 -0.24
C SER B 97 7.98 23.29 -0.19
N VAL B 98 7.49 23.62 1.01
CA VAL B 98 6.56 24.72 1.23
C VAL B 98 6.90 25.36 2.57
N GLU B 99 6.47 26.61 2.77
CA GLU B 99 6.48 27.21 4.09
C GLU B 99 5.10 27.07 4.70
N LEU B 100 5.03 26.69 5.99
CA LEU B 100 3.75 26.59 6.69
C LEU B 100 3.62 27.79 7.64
N HIS B 101 3.55 27.59 8.96
CA HIS B 101 3.73 28.70 9.88
C HIS B 101 5.05 29.39 9.53
N PRO B 102 5.18 30.74 9.64
CA PRO B 102 6.43 31.41 9.29
C PRO B 102 7.65 30.77 9.97
N GLY B 103 8.64 30.43 9.14
CA GLY B 103 9.86 29.82 9.63
C GLY B 103 9.81 28.28 9.66
N VAL B 104 8.65 27.69 9.36
CA VAL B 104 8.52 26.24 9.23
C VAL B 104 8.60 25.89 7.75
N THR B 105 9.66 25.17 7.36
CA THR B 105 9.79 24.58 6.03
C THR B 105 9.49 23.10 6.15
N ALA B 106 8.71 22.59 5.20
CA ALA B 106 8.41 21.17 5.11
C ALA B 106 8.38 20.76 3.65
N GLY B 107 8.72 19.51 3.39
CA GLY B 107 8.79 19.01 2.03
C GLY B 107 8.61 17.50 1.94
N GLN B 108 8.56 17.04 0.70
CA GLN B 108 8.35 15.65 0.35
C GLN B 108 9.52 15.20 -0.54
N ARG B 109 10.17 14.11 -0.12
CA ARG B 109 11.16 13.41 -0.91
C ARG B 109 10.51 12.17 -1.51
N VAL B 110 10.88 11.87 -2.75
CA VAL B 110 10.38 10.71 -3.46
C VAL B 110 11.59 9.82 -3.76
N LEU B 111 11.66 8.66 -3.11
CA LEU B 111 12.85 7.82 -3.20
C LEU B 111 12.46 6.39 -3.57
N PRO B 112 13.15 5.77 -4.55
CA PRO B 112 12.90 4.36 -4.88
C PRO B 112 13.36 3.42 -3.76
N VAL B 113 12.68 2.27 -3.65
CA VAL B 113 13.10 1.19 -2.75
C VAL B 113 14.35 0.54 -3.33
N ASN B 114 15.08 -0.23 -2.51
CA ASN B 114 16.38 -0.76 -2.88
C ASN B 114 16.28 -2.08 -3.65
N VAL B 115 15.42 -2.99 -3.16
CA VAL B 115 15.33 -4.34 -3.70
C VAL B 115 13.87 -4.69 -3.94
N VAL B 116 13.55 -5.10 -5.18
CA VAL B 116 12.23 -5.57 -5.55
C VAL B 116 12.31 -7.04 -5.96
N GLY B 117 11.33 -7.83 -5.50
CA GLY B 117 11.09 -9.17 -6.02
C GLY B 117 9.86 -9.18 -6.94
N CYS B 118 10.04 -9.75 -8.14
CA CYS B 118 8.99 -9.82 -9.15
C CYS B 118 8.63 -11.28 -9.39
N TYR B 119 7.33 -11.58 -9.40
CA TYR B 119 6.86 -12.92 -9.73
C TYR B 119 6.17 -12.87 -11.09
N ALA B 120 6.53 -13.81 -11.97
CA ALA B 120 5.80 -14.05 -13.20
C ALA B 120 5.20 -15.45 -13.15
N PRO B 121 3.85 -15.58 -13.21
CA PRO B 121 3.21 -16.89 -13.11
C PRO B 121 3.44 -17.79 -14.30
N ALA B 122 3.43 -19.10 -14.02
CA ALA B 122 3.45 -20.12 -15.04
C ALA B 122 2.79 -21.38 -14.50
N GLY B 123 1.73 -21.81 -15.16
CA GLY B 123 0.99 -23.00 -14.78
C GLY B 123 0.20 -23.50 -15.98
N ARG B 124 -1.01 -22.96 -16.14
CA ARG B 124 -1.85 -23.26 -17.30
C ARG B 124 -1.19 -22.63 -18.54
N TYR B 125 -0.80 -21.35 -18.41
CA TYR B 125 -0.06 -20.64 -19.45
C TYR B 125 1.25 -20.13 -18.88
N ALA B 126 2.14 -19.68 -19.78
CA ALA B 126 3.39 -19.05 -19.40
C ALA B 126 3.25 -17.55 -19.60
N HIS B 127 3.32 -16.78 -18.49
CA HIS B 127 3.00 -15.37 -18.52
C HIS B 127 4.23 -14.55 -18.86
N ILE B 128 4.54 -14.54 -20.17
CA ILE B 128 5.64 -13.78 -20.74
C ILE B 128 5.48 -12.30 -20.39
N ALA B 129 4.29 -11.74 -20.63
CA ALA B 129 4.05 -10.33 -20.43
C ALA B 129 4.18 -9.95 -18.96
N SER B 130 3.68 -10.78 -18.03
CA SER B 130 3.84 -10.51 -16.61
C SER B 130 5.31 -10.32 -16.25
N ALA B 131 6.19 -11.06 -16.92
CA ALA B 131 7.62 -11.02 -16.61
C ALA B 131 8.22 -9.64 -16.87
N TYR B 132 7.82 -8.95 -17.95
CA TYR B 132 8.35 -7.61 -18.17
C TYR B 132 7.53 -6.55 -17.44
N MET B 133 6.26 -6.84 -17.11
CA MET B 133 5.42 -5.87 -16.42
C MET B 133 6.04 -5.49 -15.07
N GLY B 134 6.52 -6.47 -14.32
CA GLY B 134 7.13 -6.21 -13.03
C GLY B 134 8.52 -5.61 -13.18
N VAL B 135 9.40 -6.30 -13.91
CA VAL B 135 10.82 -5.99 -13.93
C VAL B 135 11.07 -4.65 -14.64
N ALA B 136 10.42 -4.45 -15.81
CA ALA B 136 10.61 -3.20 -16.54
C ALA B 136 10.17 -2.00 -15.72
N THR B 137 9.10 -2.17 -14.92
CA THR B 137 8.53 -1.09 -14.13
C THR B 137 9.48 -0.74 -12.97
N ALA B 138 10.03 -1.75 -12.31
CA ALA B 138 10.99 -1.57 -11.22
C ALA B 138 12.23 -0.80 -11.71
N LYS B 139 12.74 -1.15 -12.89
CA LYS B 139 13.90 -0.47 -13.46
C LYS B 139 13.55 0.96 -13.85
N ALA B 140 12.33 1.15 -14.39
CA ALA B 140 11.88 2.49 -14.74
C ALA B 140 11.79 3.37 -13.50
N ALA B 141 11.53 2.77 -12.33
CA ALA B 141 11.40 3.51 -11.09
C ALA B 141 12.77 3.77 -10.46
N GLY B 142 13.84 3.17 -11.03
CA GLY B 142 15.19 3.39 -10.56
C GLY B 142 15.58 2.44 -9.43
N VAL B 143 14.94 1.27 -9.34
CA VAL B 143 15.28 0.28 -8.33
C VAL B 143 16.60 -0.38 -8.73
N LYS B 144 17.54 -0.43 -7.78
CA LYS B 144 18.89 -0.94 -7.99
C LYS B 144 18.91 -2.45 -8.22
N THR B 145 18.21 -3.24 -7.37
CA THR B 145 18.29 -4.69 -7.42
C THR B 145 16.90 -5.28 -7.65
N VAL B 146 16.78 -6.11 -8.69
CA VAL B 146 15.53 -6.79 -9.01
C VAL B 146 15.80 -8.29 -9.10
N VAL B 147 15.10 -9.03 -8.21
CA VAL B 147 15.06 -10.48 -8.20
C VAL B 147 13.75 -10.90 -8.85
N ALA B 148 13.84 -11.85 -9.79
CA ALA B 148 12.69 -12.32 -10.56
C ALA B 148 12.54 -13.82 -10.42
N CYS B 149 11.32 -14.32 -10.15
CA CYS B 149 11.02 -15.75 -10.14
C CYS B 149 9.86 -16.07 -11.07
N SER B 150 9.95 -17.25 -11.71
CA SER B 150 8.83 -17.83 -12.43
C SER B 150 8.85 -19.34 -12.20
N SER B 151 7.65 -19.93 -12.17
CA SER B 151 7.49 -21.35 -11.90
C SER B 151 8.10 -22.17 -13.03
N PRO B 152 8.74 -23.33 -12.70
CA PRO B 152 9.00 -24.37 -13.68
C PRO B 152 7.70 -24.71 -14.41
N PHE B 153 7.76 -24.73 -15.75
CA PHE B 153 6.58 -24.85 -16.59
C PHE B 153 6.57 -26.18 -17.33
N ARG B 154 5.38 -26.81 -17.35
CA ARG B 154 5.10 -28.05 -18.09
C ARG B 154 6.21 -29.07 -17.85
N GLY B 155 6.53 -29.33 -16.57
CA GLY B 155 7.49 -30.35 -16.18
C GLY B 155 8.91 -30.04 -16.65
N GLN B 156 9.26 -28.75 -16.76
CA GLN B 156 10.59 -28.34 -17.19
C GLN B 156 10.99 -27.13 -16.36
N GLY B 157 11.91 -26.30 -16.85
CA GLY B 157 12.33 -25.12 -16.12
C GLY B 157 11.47 -23.91 -16.46
N ILE B 158 12.05 -22.71 -16.33
CA ILE B 158 11.37 -21.47 -16.68
C ILE B 158 11.13 -21.48 -18.19
N HIS B 159 9.90 -21.17 -18.61
CA HIS B 159 9.65 -21.02 -20.03
C HIS B 159 10.73 -20.11 -20.63
N PRO B 160 11.37 -20.48 -21.77
CA PRO B 160 12.44 -19.65 -22.34
C PRO B 160 12.06 -18.21 -22.70
N HIS B 161 10.79 -17.96 -23.03
CA HIS B 161 10.34 -16.62 -23.41
C HIS B 161 10.09 -15.74 -22.18
N VAL B 162 9.66 -16.36 -21.08
CA VAL B 162 9.61 -15.67 -19.80
C VAL B 162 11.02 -15.27 -19.38
N LEU B 163 11.96 -16.22 -19.50
CA LEU B 163 13.34 -15.97 -19.13
C LEU B 163 13.92 -14.82 -19.94
N TYR B 164 13.62 -14.81 -21.25
CA TYR B 164 14.07 -13.74 -22.12
C TYR B 164 13.47 -12.42 -21.66
N ALA B 165 12.16 -12.42 -21.33
CA ALA B 165 11.50 -11.21 -20.87
C ALA B 165 12.19 -10.63 -19.64
N PHE B 166 12.46 -11.49 -18.64
CA PHE B 166 13.13 -11.07 -17.41
C PHE B 166 14.48 -10.44 -17.71
N GLN B 167 15.31 -11.15 -18.50
CA GLN B 167 16.66 -10.71 -18.82
C GLN B 167 16.60 -9.38 -19.57
N ALA B 168 15.78 -9.30 -20.63
CA ALA B 168 15.76 -8.09 -21.46
C ALA B 168 15.18 -6.90 -20.68
N ALA B 169 14.36 -7.16 -19.65
CA ALA B 169 13.76 -6.09 -18.88
C ALA B 169 14.71 -5.58 -17.79
N GLY B 170 15.74 -6.36 -17.45
CA GLY B 170 16.81 -5.88 -16.59
C GLY B 170 16.90 -6.59 -15.24
N ALA B 171 16.34 -7.81 -15.12
CA ALA B 171 16.44 -8.55 -13.89
C ALA B 171 17.91 -8.79 -13.54
N ASP B 172 18.26 -8.64 -12.25
CA ASP B 172 19.61 -8.85 -11.77
C ASP B 172 19.82 -10.29 -11.32
N VAL B 173 18.77 -10.93 -10.79
CA VAL B 173 18.82 -12.32 -10.36
C VAL B 173 17.52 -12.99 -10.84
N ILE B 174 17.65 -14.22 -11.38
CA ILE B 174 16.51 -14.99 -11.84
C ILE B 174 16.51 -16.35 -11.14
N MET B 175 15.33 -16.77 -10.63
CA MET B 175 15.20 -18.06 -9.95
C MET B 175 14.08 -18.86 -10.59
N ALA B 176 14.28 -20.18 -10.71
CA ALA B 176 13.23 -21.10 -11.08
C ALA B 176 12.51 -21.56 -9.81
N LEU B 177 11.47 -20.80 -9.45
CA LEU B 177 10.67 -20.98 -8.24
C LEU B 177 9.25 -20.53 -8.54
N GLY B 178 8.26 -21.32 -8.09
CA GLY B 178 6.85 -21.01 -8.31
C GLY B 178 6.10 -20.78 -7.00
N GLY B 179 4.92 -20.17 -7.12
CA GLY B 179 3.89 -20.23 -6.11
C GLY B 179 4.27 -19.52 -4.82
N VAL B 180 3.75 -20.08 -3.72
CA VAL B 180 3.89 -19.55 -2.38
C VAL B 180 5.38 -19.56 -2.00
N GLN B 181 6.10 -20.62 -2.38
CA GLN B 181 7.49 -20.75 -1.98
C GLN B 181 8.35 -19.69 -2.68
N ALA B 182 7.95 -19.25 -3.88
CA ALA B 182 8.66 -18.17 -4.57
C ALA B 182 8.47 -16.86 -3.82
N ILE B 183 7.21 -16.52 -3.52
CA ILE B 183 6.88 -15.26 -2.88
C ILE B 183 7.64 -15.18 -1.56
N ALA B 184 7.61 -16.26 -0.78
CA ALA B 184 8.25 -16.30 0.53
C ALA B 184 9.76 -16.19 0.40
N SER B 185 10.33 -16.85 -0.61
CA SER B 185 11.76 -16.80 -0.85
C SER B 185 12.20 -15.36 -1.12
N MET B 186 11.44 -14.65 -1.95
CA MET B 186 11.81 -13.28 -2.30
C MET B 186 11.62 -12.36 -1.09
N ALA B 187 10.54 -12.55 -0.33
CA ALA B 187 10.29 -11.77 0.87
C ALA B 187 11.43 -11.92 1.89
N TYR B 188 11.94 -13.15 2.07
CA TYR B 188 12.88 -13.43 3.13
C TYR B 188 14.33 -13.38 2.63
N GLY B 189 14.54 -13.24 1.32
CA GLY B 189 15.88 -13.21 0.76
C GLY B 189 16.55 -14.59 0.78
N LEU B 190 15.75 -15.67 0.75
CA LEU B 190 16.29 -17.01 0.65
C LEU B 190 17.00 -17.18 -0.70
N PHE B 191 18.16 -17.87 -0.68
CA PHE B 191 18.91 -18.22 -1.87
C PHE B 191 19.78 -17.07 -2.38
N THR B 192 19.33 -15.81 -2.27
CA THR B 192 20.08 -14.67 -2.78
C THR B 192 20.79 -13.93 -1.65
N GLY B 193 20.24 -14.01 -0.44
CA GLY B 193 20.66 -13.18 0.69
C GLY B 193 20.22 -11.71 0.58
N LYS B 194 19.27 -11.40 -0.31
CA LYS B 194 18.81 -10.02 -0.50
C LYS B 194 17.30 -9.94 -0.33
N PRO B 195 16.79 -9.82 0.91
CA PRO B 195 15.35 -9.71 1.15
C PRO B 195 14.77 -8.53 0.36
N ALA B 196 13.61 -8.74 -0.26
CA ALA B 196 12.97 -7.67 -1.02
C ALA B 196 12.39 -6.62 -0.08
N ASP B 197 12.37 -5.37 -0.53
CA ASP B 197 11.62 -4.33 0.13
C ASP B 197 10.18 -4.35 -0.34
N VAL B 198 9.98 -4.68 -1.62
CA VAL B 198 8.65 -4.80 -2.20
C VAL B 198 8.61 -6.06 -3.07
N VAL B 199 7.51 -6.81 -2.96
CA VAL B 199 7.27 -7.99 -3.77
C VAL B 199 6.01 -7.73 -4.58
N VAL B 200 6.12 -7.96 -5.89
CA VAL B 200 5.08 -7.61 -6.84
C VAL B 200 4.85 -8.79 -7.76
N GLY B 201 3.69 -8.77 -8.43
CA GLY B 201 3.44 -9.68 -9.53
C GLY B 201 2.15 -10.47 -9.31
N PRO B 202 1.55 -10.94 -10.42
CA PRO B 202 0.26 -11.63 -10.37
C PRO B 202 0.42 -13.13 -10.14
N GLY B 203 -0.70 -13.83 -9.89
CA GLY B 203 -0.67 -15.28 -9.74
C GLY B 203 -2.03 -15.81 -9.30
N ASN B 204 -2.09 -17.14 -9.09
CA ASN B 204 -3.31 -17.81 -8.66
C ASN B 204 -3.63 -17.38 -7.23
N LYS B 205 -4.69 -17.97 -6.66
CA LYS B 205 -5.17 -17.57 -5.34
C LYS B 205 -4.13 -17.83 -4.25
N PHE B 206 -3.21 -18.79 -4.45
CA PHE B 206 -2.21 -19.07 -3.44
C PHE B 206 -1.12 -17.99 -3.45
N VAL B 207 -0.63 -17.63 -4.64
CA VAL B 207 0.35 -16.57 -4.80
C VAL B 207 -0.18 -15.26 -4.21
N ALA B 208 -1.41 -14.88 -4.57
CA ALA B 208 -1.97 -13.60 -4.16
C ALA B 208 -2.16 -13.56 -2.65
N GLU B 209 -2.62 -14.67 -2.09
CA GLU B 209 -2.82 -14.77 -0.65
C GLU B 209 -1.46 -14.73 0.07
N ALA B 210 -0.43 -15.34 -0.52
CA ALA B 210 0.89 -15.35 0.11
C ALA B 210 1.46 -13.93 0.21
N LYS B 211 1.37 -13.18 -0.90
CA LYS B 211 1.78 -11.79 -0.92
C LYS B 211 1.01 -10.99 0.14
N ARG B 212 -0.32 -11.18 0.19
CA ARG B 212 -1.19 -10.50 1.14
C ARG B 212 -0.77 -10.82 2.58
N SER B 213 -0.46 -12.09 2.88
CA SER B 213 -0.04 -12.50 4.21
C SER B 213 1.33 -11.93 4.58
N LEU B 214 2.21 -11.75 3.59
CA LEU B 214 3.57 -11.34 3.87
C LEU B 214 3.70 -9.82 3.90
N TYR B 215 2.60 -9.11 3.54
CA TYR B 215 2.59 -7.66 3.65
C TYR B 215 3.01 -7.28 5.08
N GLY B 216 3.89 -6.28 5.21
CA GLY B 216 4.48 -5.93 6.49
C GLY B 216 5.95 -6.31 6.50
N GLN B 217 6.23 -7.61 6.35
CA GLN B 217 7.56 -8.09 6.08
C GLN B 217 8.12 -7.40 4.83
N VAL B 218 7.24 -7.21 3.84
CA VAL B 218 7.53 -6.47 2.63
C VAL B 218 6.34 -5.57 2.29
N GLY B 219 6.61 -4.56 1.46
CA GLY B 219 5.56 -3.85 0.75
C GLY B 219 5.08 -4.69 -0.42
N ILE B 220 3.89 -4.40 -0.96
CA ILE B 220 3.46 -5.10 -2.15
C ILE B 220 2.86 -4.10 -3.14
N ASP B 221 2.54 -4.58 -4.33
CA ASP B 221 1.84 -3.77 -5.31
C ASP B 221 0.35 -3.74 -4.95
N VAL B 222 -0.29 -4.89 -5.15
CA VAL B 222 -1.72 -5.04 -4.96
C VAL B 222 -2.06 -6.53 -4.95
N PHE B 223 -3.20 -6.87 -4.35
CA PHE B 223 -3.76 -8.21 -4.43
C PHE B 223 -4.18 -8.46 -5.88
N ALA B 224 -3.41 -9.30 -6.56
CA ALA B 224 -3.55 -9.54 -7.99
C ALA B 224 -3.69 -11.03 -8.24
N GLY B 225 -4.94 -11.50 -8.14
CA GLY B 225 -5.25 -12.92 -8.22
C GLY B 225 -5.92 -13.23 -9.56
N PRO B 226 -6.66 -14.36 -9.65
CA PRO B 226 -7.29 -14.77 -10.90
C PRO B 226 -7.96 -13.59 -11.60
N SER B 227 -7.68 -13.48 -12.90
CA SER B 227 -8.00 -12.32 -13.70
C SER B 227 -9.51 -12.16 -13.80
N GLU B 228 -9.94 -10.90 -13.87
CA GLU B 228 -11.34 -10.51 -14.03
C GLU B 228 -11.49 -9.59 -15.25
N VAL B 229 -12.71 -9.51 -15.78
CA VAL B 229 -13.06 -8.55 -16.81
C VAL B 229 -14.53 -8.16 -16.64
N ALA B 230 -14.80 -6.86 -16.77
CA ALA B 230 -16.14 -6.35 -16.99
C ALA B 230 -16.17 -5.56 -18.29
N VAL B 231 -17.32 -5.63 -18.96
CA VAL B 231 -17.63 -4.81 -20.12
C VAL B 231 -18.91 -4.06 -19.80
N ILE B 232 -18.88 -2.74 -19.98
CA ILE B 232 -20.04 -1.87 -20.00
C ILE B 232 -20.40 -1.65 -21.47
N ALA B 233 -21.65 -1.93 -21.84
CA ALA B 233 -22.11 -1.83 -23.22
C ALA B 233 -23.48 -1.19 -23.30
N ASP B 234 -23.66 -0.33 -24.30
CA ASP B 234 -24.98 0.20 -24.64
C ASP B 234 -25.38 -0.40 -25.99
N GLU B 235 -26.38 0.20 -26.67
CA GLU B 235 -26.95 -0.39 -27.86
C GLU B 235 -26.02 -0.24 -29.07
N THR B 236 -24.99 0.62 -28.96
CA THR B 236 -24.07 0.84 -30.06
C THR B 236 -23.02 -0.27 -30.10
N ALA B 237 -22.95 -1.10 -29.05
CA ALA B 237 -21.89 -2.08 -28.93
C ALA B 237 -22.09 -3.20 -29.94
N ASP B 238 -20.99 -3.89 -30.27
CA ASP B 238 -21.01 -5.05 -31.15
C ASP B 238 -20.98 -6.30 -30.29
N PRO B 239 -22.07 -7.12 -30.30
CA PRO B 239 -22.14 -8.30 -29.45
C PRO B 239 -21.05 -9.33 -29.74
N ALA B 240 -20.59 -9.41 -31.00
CA ALA B 240 -19.56 -10.37 -31.36
C ALA B 240 -18.23 -9.99 -30.70
N ILE B 241 -17.93 -8.69 -30.61
CA ILE B 241 -16.69 -8.22 -30.02
C ILE B 241 -16.79 -8.34 -28.50
N VAL B 242 -17.93 -7.94 -27.92
CA VAL B 242 -18.14 -8.02 -26.49
C VAL B 242 -17.94 -9.47 -26.04
N ALA B 243 -18.59 -10.41 -26.74
CA ALA B 243 -18.51 -11.83 -26.40
C ALA B 243 -17.07 -12.33 -26.50
N SER B 244 -16.38 -11.89 -27.55
CA SER B 244 -14.99 -12.26 -27.75
C SER B 244 -14.14 -11.83 -26.56
N ASP B 245 -14.34 -10.59 -26.11
CA ASP B 245 -13.54 -10.00 -25.03
C ASP B 245 -13.77 -10.73 -23.71
N LEU B 246 -15.02 -11.09 -23.42
CA LEU B 246 -15.37 -11.80 -22.19
C LEU B 246 -14.68 -13.16 -22.15
N VAL B 247 -14.75 -13.88 -23.27
CA VAL B 247 -14.16 -15.20 -23.40
C VAL B 247 -12.65 -15.11 -23.27
N GLY B 248 -12.07 -14.02 -23.80
CA GLY B 248 -10.63 -13.80 -23.75
C GLY B 248 -10.06 -13.90 -22.33
N GLN B 249 -10.72 -13.29 -21.35
CA GLN B 249 -10.25 -13.38 -19.98
C GLN B 249 -10.74 -14.65 -19.29
N ALA B 250 -11.87 -15.22 -19.75
CA ALA B 250 -12.42 -16.42 -19.14
C ALA B 250 -11.46 -17.61 -19.27
N GLU B 251 -10.63 -17.62 -20.33
CA GLU B 251 -9.69 -18.72 -20.53
C GLU B 251 -8.57 -18.74 -19.49
N HIS B 252 -8.44 -17.68 -18.68
CA HIS B 252 -7.37 -17.62 -17.69
C HIS B 252 -7.43 -18.82 -16.75
N GLY B 253 -8.63 -19.25 -16.40
CA GLY B 253 -8.78 -20.38 -15.50
C GLY B 253 -10.19 -20.45 -14.93
N HIS B 254 -10.43 -21.54 -14.18
CA HIS B 254 -11.76 -21.89 -13.71
C HIS B 254 -12.34 -20.81 -12.79
N GLU B 255 -11.48 -20.00 -12.16
CA GLU B 255 -11.94 -19.00 -11.19
C GLU B 255 -12.01 -17.58 -11.76
N SER B 256 -11.87 -17.38 -13.09
CA SER B 256 -11.85 -16.03 -13.65
C SER B 256 -13.27 -15.53 -13.98
N PRO B 257 -13.78 -14.50 -13.28
CA PRO B 257 -15.10 -13.94 -13.60
C PRO B 257 -15.11 -12.96 -14.76
N ALA B 258 -16.17 -13.07 -15.57
CA ALA B 258 -16.44 -12.18 -16.68
C ALA B 258 -17.83 -11.57 -16.48
N TRP B 259 -17.88 -10.23 -16.44
CA TRP B 259 -19.08 -9.51 -16.10
C TRP B 259 -19.53 -8.62 -17.27
N LEU B 260 -20.83 -8.65 -17.56
CA LEU B 260 -21.41 -7.74 -18.53
C LEU B 260 -22.44 -6.88 -17.83
N PHE B 261 -22.25 -5.56 -17.94
CA PHE B 261 -23.18 -4.56 -17.44
C PHE B 261 -23.68 -3.79 -18.66
N THR B 262 -24.99 -3.79 -18.92
CA THR B 262 -25.52 -3.14 -20.11
C THR B 262 -26.90 -2.55 -19.86
N THR B 263 -27.26 -1.58 -20.71
CA THR B 263 -28.60 -1.01 -20.72
C THR B 263 -29.40 -1.53 -21.93
N SER B 264 -28.89 -2.55 -22.63
CA SER B 264 -29.58 -3.09 -23.80
C SER B 264 -29.79 -4.59 -23.64
N ARG B 265 -31.06 -4.99 -23.54
CA ARG B 265 -31.43 -6.39 -23.38
C ARG B 265 -31.07 -7.17 -24.64
N ASP B 266 -31.19 -6.52 -25.81
CA ASP B 266 -30.84 -7.16 -27.08
C ASP B 266 -29.34 -7.52 -27.12
N LEU B 267 -28.48 -6.62 -26.63
CA LEU B 267 -27.05 -6.87 -26.55
C LEU B 267 -26.77 -8.02 -25.59
N ALA B 268 -27.39 -7.99 -24.40
CA ALA B 268 -27.16 -9.00 -23.39
C ALA B 268 -27.50 -10.38 -23.94
N ASP B 269 -28.67 -10.47 -24.58
CA ASP B 269 -29.18 -11.73 -25.07
C ASP B 269 -28.25 -12.28 -26.15
N ARG B 270 -27.82 -11.42 -27.08
CA ARG B 270 -26.93 -11.88 -28.15
C ARG B 270 -25.62 -12.39 -27.56
N VAL B 271 -25.08 -11.67 -26.56
CA VAL B 271 -23.81 -12.04 -25.94
C VAL B 271 -23.97 -13.36 -25.19
N MET B 272 -25.10 -13.55 -24.50
CA MET B 272 -25.29 -14.78 -23.74
C MET B 272 -25.39 -15.99 -24.67
N ALA B 273 -25.93 -15.79 -25.89
CA ALA B 273 -25.93 -16.81 -26.93
C ALA B 273 -24.52 -17.07 -27.47
N LEU B 274 -23.76 -15.99 -27.73
CA LEU B 274 -22.49 -16.09 -28.42
C LEU B 274 -21.36 -16.66 -27.56
N VAL B 275 -21.35 -16.38 -26.25
CA VAL B 275 -20.20 -16.73 -25.42
C VAL B 275 -19.98 -18.24 -25.40
N PRO B 276 -20.98 -19.10 -25.09
CA PRO B 276 -20.78 -20.55 -25.17
C PRO B 276 -20.34 -21.05 -26.54
N GLU B 277 -20.83 -20.41 -27.61
CA GLU B 277 -20.43 -20.77 -28.96
C GLU B 277 -18.94 -20.52 -29.15
N LEU B 278 -18.48 -19.35 -28.69
CA LEU B 278 -17.07 -18.98 -28.85
C LEU B 278 -16.19 -19.91 -28.03
N ILE B 279 -16.66 -20.29 -26.84
CA ILE B 279 -15.88 -21.14 -25.94
C ILE B 279 -15.74 -22.53 -26.56
N ALA B 280 -16.80 -23.01 -27.24
CA ALA B 280 -16.79 -24.37 -27.78
C ALA B 280 -15.77 -24.51 -28.89
N LYS B 281 -15.46 -23.40 -29.59
CA LYS B 281 -14.48 -23.39 -30.67
C LYS B 281 -13.05 -23.21 -30.17
N LEU B 282 -12.85 -23.11 -28.85
CA LEU B 282 -11.50 -22.94 -28.32
C LEU B 282 -10.79 -24.29 -28.29
N PRO B 283 -9.44 -24.31 -28.30
CA PRO B 283 -8.68 -25.53 -28.05
C PRO B 283 -8.81 -26.02 -26.62
N PRO B 284 -8.39 -27.28 -26.32
CA PRO B 284 -8.73 -27.94 -25.06
C PRO B 284 -8.50 -27.18 -23.76
N THR B 285 -7.30 -26.66 -23.53
CA THR B 285 -6.96 -26.11 -22.21
C THR B 285 -7.81 -24.86 -21.94
N ALA B 286 -7.91 -23.99 -22.94
CA ALA B 286 -8.71 -22.77 -22.83
C ALA B 286 -10.19 -23.11 -22.70
N ARG B 287 -10.66 -24.05 -23.54
CA ARG B 287 -12.05 -24.46 -23.51
C ARG B 287 -12.41 -24.93 -22.10
N ASP B 288 -11.52 -25.72 -21.50
CA ASP B 288 -11.74 -26.29 -20.18
C ASP B 288 -11.89 -25.17 -19.14
N ALA B 289 -10.97 -24.22 -19.15
CA ALA B 289 -10.98 -23.10 -18.22
C ALA B 289 -12.22 -22.21 -18.41
N ALA B 290 -12.46 -21.78 -19.66
CA ALA B 290 -13.52 -20.83 -19.94
C ALA B 290 -14.91 -21.42 -19.68
N THR B 291 -15.11 -22.70 -19.99
CA THR B 291 -16.39 -23.36 -19.75
C THR B 291 -16.76 -23.23 -18.26
N ALA B 292 -15.84 -23.64 -17.39
CA ALA B 292 -16.07 -23.57 -15.95
C ALA B 292 -16.23 -22.12 -15.47
N ALA B 293 -15.34 -21.23 -15.94
CA ALA B 293 -15.34 -19.85 -15.48
C ALA B 293 -16.66 -19.16 -15.79
N TRP B 294 -17.12 -19.28 -17.03
CA TRP B 294 -18.32 -18.61 -17.47
C TRP B 294 -19.54 -19.16 -16.73
N ARG B 295 -19.58 -20.49 -16.55
CA ARG B 295 -20.71 -21.14 -15.90
C ARG B 295 -20.80 -20.65 -14.45
N ASP B 296 -19.69 -20.79 -13.72
CA ASP B 296 -19.68 -20.65 -12.27
C ASP B 296 -19.56 -19.19 -11.83
N TYR B 297 -18.86 -18.36 -12.61
CA TYR B 297 -18.50 -17.01 -12.18
C TYR B 297 -19.05 -15.93 -13.12
N GLY B 298 -19.49 -16.29 -14.33
CA GLY B 298 -19.94 -15.31 -15.30
C GLY B 298 -21.26 -14.66 -14.88
N GLU B 299 -21.42 -13.37 -15.19
CA GLU B 299 -22.64 -12.66 -14.81
C GLU B 299 -22.99 -11.63 -15.86
N VAL B 300 -24.31 -11.41 -16.00
CA VAL B 300 -24.86 -10.42 -16.92
C VAL B 300 -25.93 -9.63 -16.18
N ILE B 301 -25.78 -8.30 -16.18
CA ILE B 301 -26.67 -7.41 -15.45
C ILE B 301 -27.25 -6.38 -16.42
N LEU B 302 -28.59 -6.35 -16.49
CA LEU B 302 -29.32 -5.35 -17.25
C LEU B 302 -29.69 -4.22 -16.32
N CYS B 303 -29.35 -2.98 -16.72
CA CYS B 303 -29.66 -1.78 -15.96
C CYS B 303 -30.54 -0.88 -16.82
N GLY B 304 -31.25 0.06 -16.16
CA GLY B 304 -32.18 0.95 -16.84
C GLY B 304 -31.55 2.27 -17.25
N THR B 305 -30.55 2.74 -16.48
CA THR B 305 -29.86 4.00 -16.78
C THR B 305 -28.35 3.83 -16.67
N ARG B 306 -27.63 4.83 -17.22
CA ARG B 306 -26.18 4.91 -17.14
C ARG B 306 -25.73 4.95 -15.68
N GLU B 307 -26.49 5.70 -14.86
CA GLU B 307 -26.16 5.93 -13.45
C GLU B 307 -26.18 4.62 -12.68
N GLU B 308 -27.15 3.76 -13.01
CA GLU B 308 -27.24 2.43 -12.39
C GLU B 308 -26.07 1.55 -12.83
N VAL B 309 -25.66 1.66 -14.10
CA VAL B 309 -24.50 0.91 -14.58
C VAL B 309 -23.27 1.34 -13.77
N VAL B 310 -23.09 2.65 -13.61
CA VAL B 310 -21.98 3.19 -12.86
C VAL B 310 -21.99 2.63 -11.43
N GLU B 311 -23.16 2.66 -10.80
CA GLU B 311 -23.33 2.19 -9.43
C GLU B 311 -22.93 0.72 -9.33
N ILE B 312 -23.40 -0.11 -10.28
CA ILE B 312 -23.09 -1.53 -10.27
C ILE B 312 -21.59 -1.75 -10.53
N SER B 313 -21.06 -1.08 -11.56
CA SER B 313 -19.66 -1.22 -11.92
C SER B 313 -18.76 -0.89 -10.73
N ASP B 314 -19.04 0.26 -10.10
CA ASP B 314 -18.28 0.70 -8.95
C ASP B 314 -18.37 -0.31 -7.81
N ARG B 315 -19.53 -0.96 -7.64
CA ARG B 315 -19.66 -1.97 -6.61
C ARG B 315 -18.82 -3.19 -6.96
N TYR B 316 -18.77 -3.58 -8.25
CA TYR B 316 -18.02 -4.75 -8.66
C TYR B 316 -16.51 -4.51 -8.60
N ALA B 317 -16.09 -3.26 -8.86
CA ALA B 317 -14.69 -2.86 -8.75
C ALA B 317 -13.79 -3.83 -9.51
N SER B 318 -14.08 -3.99 -10.81
CA SER B 318 -13.42 -4.96 -11.65
C SER B 318 -11.95 -4.60 -11.88
N GLU B 319 -11.09 -5.62 -11.94
CA GLU B 319 -9.70 -5.50 -12.35
C GLU B 319 -9.56 -4.68 -13.63
N ALA B 320 -10.26 -5.14 -14.67
CA ALA B 320 -10.23 -4.50 -15.98
C ALA B 320 -11.65 -4.20 -16.41
N LEU B 321 -11.85 -3.01 -17.00
CA LEU B 321 -13.17 -2.54 -17.35
C LEU B 321 -13.16 -1.96 -18.76
N GLU B 322 -13.92 -2.59 -19.66
CA GLU B 322 -14.08 -2.08 -21.02
C GLU B 322 -15.38 -1.29 -21.09
N VAL B 323 -15.38 -0.22 -21.90
CA VAL B 323 -16.57 0.61 -22.08
C VAL B 323 -16.83 0.77 -23.58
N HIS B 324 -17.86 0.08 -24.07
CA HIS B 324 -18.30 0.16 -25.46
C HIS B 324 -19.65 0.89 -25.50
N THR B 325 -19.59 2.22 -25.51
CA THR B 325 -20.79 3.04 -25.45
C THR B 325 -20.56 4.29 -26.29
N ALA B 326 -21.63 5.06 -26.45
CA ALA B 326 -21.49 6.44 -26.87
C ALA B 326 -21.00 7.27 -25.67
N ASP B 327 -20.55 8.49 -25.96
CA ASP B 327 -20.28 9.51 -24.96
C ASP B 327 -19.24 9.01 -23.94
N LEU B 328 -18.07 8.59 -24.44
CA LEU B 328 -17.07 7.96 -23.61
C LEU B 328 -16.54 8.91 -22.54
N ASP B 329 -16.53 10.23 -22.80
CA ASP B 329 -16.06 11.21 -21.83
C ASP B 329 -16.84 11.14 -20.52
N TRP B 330 -18.15 10.91 -20.63
CA TRP B 330 -19.01 10.82 -19.47
C TRP B 330 -18.60 9.64 -18.59
N TRP B 331 -18.22 8.52 -19.21
CA TRP B 331 -17.87 7.32 -18.47
C TRP B 331 -16.52 7.49 -17.78
N LEU B 332 -15.57 8.15 -18.45
CA LEU B 332 -14.27 8.42 -17.86
C LEU B 332 -14.46 9.33 -16.63
N ALA B 333 -15.40 10.28 -16.75
CA ALA B 333 -15.64 11.25 -15.69
C ALA B 333 -16.36 10.63 -14.49
N ASN B 334 -17.13 9.54 -14.68
CA ASN B 334 -18.06 9.08 -13.66
C ASN B 334 -17.68 7.74 -13.01
N LEU B 335 -16.99 6.85 -13.72
CA LEU B 335 -16.56 5.59 -13.13
C LEU B 335 -15.46 5.89 -12.11
N THR B 336 -15.43 5.18 -10.97
CA THR B 336 -14.44 5.49 -9.93
C THR B 336 -13.72 4.25 -9.41
N CYS B 337 -14.24 3.03 -9.66
CA CYS B 337 -13.62 1.83 -9.11
C CYS B 337 -13.36 0.81 -10.21
N TYR B 338 -12.08 0.71 -10.61
CA TYR B 338 -11.62 -0.25 -11.60
C TYR B 338 -10.10 -0.26 -11.55
N GLY B 339 -9.48 -1.35 -12.01
CA GLY B 339 -8.02 -1.39 -12.08
C GLY B 339 -7.53 -0.55 -13.27
N SER B 340 -8.00 -0.93 -14.45
CA SER B 340 -7.57 -0.38 -15.72
C SER B 340 -8.78 -0.27 -16.63
N LEU B 341 -8.91 0.89 -17.29
CA LEU B 341 -10.08 1.26 -18.06
C LEU B 341 -9.71 1.25 -19.54
N PHE B 342 -10.58 0.62 -20.35
CA PHE B 342 -10.42 0.54 -21.78
C PHE B 342 -11.61 1.24 -22.43
N LEU B 343 -11.38 2.41 -23.03
CA LEU B 343 -12.45 3.27 -23.51
C LEU B 343 -12.61 3.08 -25.02
N GLY B 344 -13.82 2.67 -25.41
CA GLY B 344 -14.14 2.40 -26.81
C GLY B 344 -13.80 0.96 -27.16
N GLU B 345 -14.24 0.55 -28.36
CA GLU B 345 -14.13 -0.82 -28.82
C GLU B 345 -12.73 -1.15 -29.31
N GLU B 346 -11.96 -0.13 -29.73
CA GLU B 346 -10.75 -0.36 -30.51
C GLU B 346 -9.71 -1.04 -29.64
N THR B 347 -9.43 -0.48 -28.47
CA THR B 347 -8.57 -1.14 -27.51
C THR B 347 -9.35 -2.27 -26.83
N THR B 348 -8.61 -3.15 -26.14
CA THR B 348 -9.20 -4.29 -25.46
C THR B 348 -8.21 -4.80 -24.42
N VAL B 349 -8.70 -5.63 -23.50
CA VAL B 349 -7.95 -6.01 -22.31
C VAL B 349 -6.67 -6.74 -22.72
N ALA B 350 -6.76 -7.65 -23.70
CA ALA B 350 -5.60 -8.40 -24.15
C ALA B 350 -4.50 -7.47 -24.66
N PHE B 351 -4.87 -6.36 -25.33
CA PHE B 351 -3.89 -5.38 -25.73
C PHE B 351 -3.16 -4.84 -24.50
N GLY B 352 -3.93 -4.47 -23.46
CA GLY B 352 -3.36 -3.99 -22.22
C GLY B 352 -2.49 -5.06 -21.56
N ASP B 353 -2.94 -6.30 -21.66
CA ASP B 353 -2.20 -7.44 -21.13
C ASP B 353 -0.79 -7.55 -21.72
N LYS B 354 -0.65 -7.29 -23.02
CA LYS B 354 0.59 -7.64 -23.70
C LYS B 354 1.46 -6.42 -24.00
N THR B 355 0.90 -5.30 -24.50
CA THR B 355 1.78 -4.29 -25.09
C THR B 355 1.23 -2.86 -25.18
N SER B 356 0.03 -2.54 -24.67
CA SER B 356 -0.48 -1.17 -24.73
C SER B 356 0.49 -0.19 -24.06
N GLY B 357 0.97 -0.59 -22.88
CA GLY B 357 1.87 0.24 -22.12
C GLY B 357 1.53 0.23 -20.64
N PRO B 358 0.31 0.66 -20.25
CA PRO B 358 -0.09 0.60 -18.84
C PRO B 358 -0.01 -0.82 -18.31
N ASN B 359 0.38 -0.92 -17.03
CA ASN B 359 0.64 -2.19 -16.38
C ASN B 359 -0.62 -3.05 -16.38
N HIS B 360 -0.43 -4.37 -16.53
CA HIS B 360 -1.51 -5.35 -16.52
C HIS B 360 -1.67 -6.02 -15.15
N VAL B 361 -0.71 -5.82 -14.22
CA VAL B 361 -0.79 -6.43 -12.91
C VAL B 361 -1.73 -5.58 -12.04
N LEU B 362 -2.91 -6.10 -11.78
CA LEU B 362 -4.05 -5.26 -11.45
C LEU B 362 -4.86 -5.86 -10.31
N PRO B 363 -5.54 -5.00 -9.52
CA PRO B 363 -6.31 -5.44 -8.35
C PRO B 363 -7.46 -6.38 -8.71
N THR B 364 -7.59 -7.48 -7.97
CA THR B 364 -8.75 -8.35 -8.06
C THR B 364 -9.48 -8.40 -6.71
N LYS B 365 -10.66 -9.02 -6.72
CA LYS B 365 -11.43 -9.31 -5.53
C LYS B 365 -11.75 -8.03 -4.76
N GLY B 366 -12.07 -6.95 -5.51
CA GLY B 366 -12.56 -5.71 -4.92
C GLY B 366 -11.44 -4.76 -4.53
N ALA B 367 -10.17 -5.12 -4.80
CA ALA B 367 -9.07 -4.29 -4.34
C ALA B 367 -9.04 -2.96 -5.09
N ALA B 368 -9.74 -2.87 -6.24
CA ALA B 368 -9.82 -1.63 -6.98
C ALA B 368 -10.63 -0.57 -6.23
N ARG B 369 -11.25 -0.95 -5.10
CA ARG B 369 -11.87 0.04 -4.23
C ARG B 369 -10.81 0.92 -3.58
N TYR B 370 -9.56 0.46 -3.46
CA TYR B 370 -8.57 1.23 -2.70
C TYR B 370 -7.20 1.30 -3.37
N SER B 371 -6.97 0.61 -4.50
CA SER B 371 -5.68 0.70 -5.15
C SER B 371 -5.82 0.52 -6.67
N GLY B 372 -4.92 1.18 -7.40
CA GLY B 372 -4.65 0.84 -8.79
C GLY B 372 -3.65 -0.30 -8.84
N GLY B 373 -3.16 -0.60 -10.04
CA GLY B 373 -2.29 -1.76 -10.23
C GLY B 373 -0.83 -1.47 -9.89
N LEU B 374 0.02 -2.48 -10.13
CA LEU B 374 1.44 -2.26 -10.15
C LEU B 374 1.75 -1.04 -11.01
N SER B 375 2.66 -0.21 -10.50
CA SER B 375 3.20 0.93 -11.24
C SER B 375 4.47 1.39 -10.54
N VAL B 376 5.13 2.39 -11.12
CA VAL B 376 6.31 2.97 -10.50
C VAL B 376 5.95 3.50 -9.12
N HIS B 377 4.68 3.91 -8.92
CA HIS B 377 4.24 4.45 -7.65
C HIS B 377 4.44 3.44 -6.51
N LYS B 378 4.36 2.14 -6.81
CA LYS B 378 4.50 1.12 -5.78
C LYS B 378 5.95 0.93 -5.36
N PHE B 379 6.88 1.55 -6.08
CA PHE B 379 8.30 1.45 -5.77
C PHE B 379 8.86 2.76 -5.24
N MET B 380 8.06 3.83 -5.21
CA MET B 380 8.50 5.11 -4.69
C MET B 380 7.97 5.29 -3.27
N LYS B 381 8.86 5.70 -2.37
CA LYS B 381 8.47 6.13 -1.04
C LYS B 381 8.29 7.65 -1.07
N THR B 382 7.18 8.15 -0.50
CA THR B 382 7.01 9.58 -0.32
C THR B 382 7.18 9.90 1.17
N LEU B 383 8.34 10.49 1.47
CA LEU B 383 8.78 10.74 2.82
C LEU B 383 8.69 12.24 3.08
N THR B 384 8.56 12.63 4.34
CA THR B 384 8.46 14.04 4.66
C THR B 384 9.71 14.47 5.40
N TRP B 385 10.08 15.73 5.20
CA TRP B 385 11.12 16.35 6.01
C TRP B 385 10.66 17.74 6.44
N GLN B 386 11.32 18.27 7.48
CA GLN B 386 11.01 19.61 7.94
C GLN B 386 12.22 20.23 8.59
N GLN B 387 12.18 21.56 8.68
CA GLN B 387 13.21 22.34 9.35
C GLN B 387 12.58 23.65 9.84
N MET B 388 13.07 24.18 10.96
CA MET B 388 12.49 25.40 11.53
C MET B 388 13.56 26.39 11.92
N THR B 389 13.19 27.69 11.88
CA THR B 389 13.90 28.75 12.57
C THR B 389 13.60 28.64 14.06
N ARG B 390 14.44 29.29 14.88
CA ARG B 390 14.17 29.41 16.30
C ARG B 390 12.86 30.17 16.53
N GLU B 391 12.62 31.22 15.74
CA GLU B 391 11.44 32.06 15.90
C GLU B 391 10.16 31.21 15.73
N ALA B 392 10.15 30.30 14.74
CA ALA B 392 8.98 29.46 14.50
C ALA B 392 8.61 28.63 15.73
N THR B 393 9.61 28.23 16.53
CA THR B 393 9.37 27.32 17.64
C THR B 393 8.65 28.05 18.78
N ARG B 394 8.56 29.39 18.73
CA ARG B 394 7.81 30.11 19.74
C ARG B 394 6.34 29.70 19.73
N GLN B 395 5.74 29.63 18.54
CA GLN B 395 4.35 29.22 18.39
C GLN B 395 4.25 27.69 18.40
N ILE B 396 5.10 27.03 17.61
CA ILE B 396 5.01 25.58 17.44
C ILE B 396 5.24 24.91 18.78
N GLY B 397 6.21 25.41 19.54
CA GLY B 397 6.59 24.83 20.83
C GLY B 397 5.51 24.98 21.89
N GLN B 398 4.90 26.17 22.00
CA GLN B 398 3.90 26.36 23.04
C GLN B 398 2.67 25.53 22.73
N VAL B 399 2.30 25.42 21.44
CA VAL B 399 1.17 24.59 21.05
C VAL B 399 1.52 23.12 21.34
N THR B 400 2.73 22.71 20.98
CA THR B 400 3.14 21.34 21.25
C THR B 400 3.05 21.02 22.74
N ALA B 401 3.58 21.91 23.58
CA ALA B 401 3.61 21.66 25.02
C ALA B 401 2.19 21.54 25.58
N ARG B 402 1.31 22.44 25.14
CA ARG B 402 -0.05 22.44 25.64
C ARG B 402 -0.80 21.19 25.18
N ILE B 403 -0.73 20.83 23.90
CA ILE B 403 -1.46 19.66 23.44
C ILE B 403 -0.87 18.43 24.11
N SER B 404 0.47 18.32 24.13
CA SER B 404 1.13 17.18 24.75
C SER B 404 0.62 16.98 26.18
N ARG B 405 0.49 18.07 26.94
CA ARG B 405 0.06 17.96 28.34
C ARG B 405 -1.40 17.56 28.42
N LEU B 406 -2.24 18.03 27.48
CA LEU B 406 -3.64 17.62 27.46
C LEU B 406 -3.74 16.11 27.23
N GLU B 407 -2.80 15.54 26.47
CA GLU B 407 -2.85 14.13 26.14
C GLU B 407 -2.32 13.27 27.28
N GLY B 408 -1.57 13.88 28.20
CA GLY B 408 -0.91 13.16 29.28
C GLY B 408 0.57 12.94 29.02
N MET B 409 1.13 13.54 27.95
CA MET B 409 2.51 13.26 27.51
C MET B 409 3.51 14.33 27.97
N GLU B 410 3.99 14.18 29.21
CA GLU B 410 4.82 15.18 29.86
C GLU B 410 6.20 15.27 29.22
N ALA B 411 6.78 14.13 28.85
CA ALA B 411 8.13 14.12 28.32
C ALA B 411 8.16 14.76 26.94
N HIS B 412 7.09 14.56 26.16
CA HIS B 412 6.91 15.28 24.91
C HIS B 412 6.95 16.79 25.14
N ALA B 413 6.18 17.25 26.14
CA ALA B 413 6.11 18.67 26.45
C ALA B 413 7.46 19.24 26.89
N ARG B 414 8.27 18.44 27.60
CA ARG B 414 9.56 18.92 28.08
C ARG B 414 10.53 19.17 26.92
N THR B 415 10.35 18.49 25.78
CA THR B 415 11.23 18.72 24.64
C THR B 415 10.95 20.10 24.07
N ALA B 416 9.72 20.60 24.28
CA ALA B 416 9.37 21.95 23.87
C ALA B 416 9.84 22.96 24.93
N ASP B 417 9.60 22.66 26.21
CA ASP B 417 10.05 23.51 27.31
C ASP B 417 11.55 23.77 27.19
N ASP B 418 12.31 22.71 26.88
CA ASP B 418 13.75 22.79 26.85
C ASP B 418 14.23 23.73 25.74
N ARG B 419 13.58 23.66 24.58
CA ARG B 419 13.90 24.56 23.48
C ARG B 419 13.52 26.00 23.81
N MET B 420 12.39 26.19 24.49
CA MET B 420 11.96 27.54 24.79
C MET B 420 12.96 28.16 25.76
N ALA B 421 13.37 27.39 26.79
CA ALA B 421 14.28 27.89 27.80
C ALA B 421 15.65 28.17 27.18
N LYS B 422 16.04 27.36 26.20
CA LYS B 422 17.32 27.54 25.54
C LYS B 422 17.33 28.72 24.57
N TYR B 423 16.32 28.80 23.69
CA TYR B 423 16.35 29.78 22.62
C TYR B 423 15.87 31.14 23.11
N PHE B 424 14.94 31.14 24.08
CA PHE B 424 14.29 32.35 24.52
C PHE B 424 14.15 32.36 26.03
N PRO B 425 15.28 32.49 26.78
CA PRO B 425 15.25 32.34 28.24
C PRO B 425 14.36 33.36 28.95
N ASN B 426 14.09 34.51 28.31
CA ASN B 426 13.25 35.54 28.91
C ASN B 426 11.78 35.43 28.54
N ALA B 427 11.44 34.63 27.51
CA ALA B 427 10.04 34.50 27.13
C ALA B 427 9.31 33.72 28.23
N SER B 428 8.03 34.04 28.45
CA SER B 428 7.25 33.17 29.30
C SER B 428 5.88 32.93 28.68
N PHE B 429 5.60 31.66 28.41
CA PHE B 429 4.38 31.25 27.74
C PHE B 429 3.63 30.29 28.65
N GLU B 430 2.33 30.15 28.36
CA GLU B 430 1.53 29.06 28.88
C GLU B 430 1.96 27.79 28.16
N MET B 431 2.67 26.92 28.88
CA MET B 431 3.18 25.69 28.31
C MET B 431 2.35 24.50 28.81
N GLY B 432 1.26 24.79 29.53
CA GLY B 432 0.35 23.76 30.01
C GLY B 432 0.69 23.30 31.43
N THR B 433 -0.34 22.86 32.16
CA THR B 433 -0.18 22.36 33.51
C THR B 433 0.61 21.05 33.45
N PRO B 434 1.76 20.93 34.15
CA PRO B 434 2.51 19.66 34.15
C PRO B 434 1.65 18.46 34.52
N VAL B 435 1.90 17.32 33.85
CA VAL B 435 1.26 16.06 34.19
C VAL B 435 1.87 15.55 35.50
N GLU B 436 1.02 15.10 36.43
CA GLU B 436 1.47 14.67 37.75
C GLU B 436 1.30 13.15 37.93
N VAL B 437 0.46 12.49 37.11
CA VAL B 437 0.22 11.06 37.24
C VAL B 437 0.97 10.29 36.13
ZN ZN C . 5.25 11.02 20.13
PA NAI D . -4.31 1.82 21.69
O1A NAI D . -3.38 1.45 20.57
O2A NAI D . -5.54 2.62 21.41
O5B NAI D . -4.72 0.49 22.51
C5B NAI D . -5.91 0.51 23.33
C4B NAI D . -6.81 -0.63 22.90
O4B NAI D . -6.00 -1.82 22.83
C3B NAI D . -7.98 -0.97 23.84
O3B NAI D . -9.13 -1.36 23.10
C2B NAI D . -7.42 -2.15 24.64
O2B NAI D . -8.40 -3.01 25.17
C1B NAI D . -6.64 -2.86 23.54
N9A NAI D . -5.67 -3.80 24.09
C8A NAI D . -4.63 -3.54 24.94
N7A NAI D . -3.99 -4.60 25.33
C5A NAI D . -4.65 -5.65 24.70
C6A NAI D . -4.47 -7.05 24.72
N6A NAI D . -3.50 -7.66 25.41
N1A NAI D . -5.30 -7.80 23.97
C2A NAI D . -6.27 -7.20 23.29
N3A NAI D . -6.56 -5.90 23.20
C4A NAI D . -5.70 -5.16 23.94
O3 NAI D . -3.46 2.60 22.77
PN NAI D . -2.18 2.24 23.66
O1N NAI D . -2.26 0.82 24.10
O2N NAI D . -2.04 3.36 24.63
O5D NAI D . -0.97 2.30 22.60
C5D NAI D . -0.88 3.33 21.59
C4D NAI D . 0.42 3.12 20.83
O4D NAI D . 0.41 3.92 19.63
C3D NAI D . 1.70 3.51 21.59
O3D NAI D . 2.63 2.44 21.57
C2D NAI D . 2.24 4.67 20.76
O2D NAI D . 3.66 4.70 20.78
C1D NAI D . 1.72 4.31 19.38
N1N NAI D . 1.69 5.44 18.41
C2N NAI D . 2.34 5.30 17.21
C3N NAI D . 2.29 6.26 16.24
C7N NAI D . 2.90 5.97 14.92
O7N NAI D . 2.76 6.78 14.01
N7N NAI D . 3.57 4.84 14.74
C4N NAI D . 1.56 7.52 16.54
C5N NAI D . 0.91 7.58 17.86
C6N NAI D . 1.01 6.60 18.72
C01 A1AZH E . 4.41 9.19 16.36
C02 A1AZH E . 3.96 9.70 17.73
O03 A1AZH E . 1.18 12.37 18.96
O01 A1AZH E . 4.90 7.91 16.59
C03 A1AZH E . 2.81 10.69 17.54
O02 A1AZH E . 5.13 10.25 18.29
S01 A1AZH E . 2.05 11.19 19.11
O04 A1AZH E . 1.18 10.19 19.73
O05 A1AZH E . 3.02 11.60 20.13
S SO4 F . 34.76 1.40 21.90
O1 SO4 F . 34.44 1.14 20.52
O2 SO4 F . 34.71 0.18 22.66
O3 SO4 F . 36.09 1.95 21.97
O4 SO4 F . 33.82 2.33 22.45
S SO4 G . 34.73 12.65 20.46
O1 SO4 G . 34.39 11.42 19.78
O2 SO4 G . 34.53 12.47 21.88
O3 SO4 G . 36.11 12.96 20.20
O4 SO4 G . 33.89 13.73 19.99
ZN ZN H . -5.38 -11.78 -19.70
PA NAI I . 1.00 -19.49 -10.86
O1A NAI I . 2.42 -19.25 -11.22
O2A NAI I . 0.25 -18.41 -10.17
O5B NAI I . 0.88 -20.83 -9.99
C5B NAI I . 1.85 -21.88 -10.19
C4B NAI I . 2.47 -22.21 -8.86
O4B NAI I . 1.39 -22.45 -7.91
C3B NAI I . 3.37 -23.45 -8.82
O3B NAI I . 4.47 -23.30 -7.93
C2B NAI I . 2.43 -24.52 -8.26
O2B NAI I . 3.10 -25.58 -7.64
C1B NAI I . 1.66 -23.67 -7.25
N9A NAI I . 0.41 -24.31 -6.83
C8A NAI I . -0.63 -24.66 -7.64
N7A NAI I . -1.62 -25.26 -7.01
C5A NAI I . -1.18 -25.31 -5.70
C6A NAI I . -1.76 -25.85 -4.54
N6A NAI I . -2.97 -26.42 -4.55
N1A NAI I . -1.08 -25.75 -3.38
C2A NAI I . 0.12 -25.15 -3.40
N3A NAI I . 0.78 -24.61 -4.43
C4A NAI I . 0.07 -24.74 -5.57
O3 NAI I . 0.22 -19.92 -12.19
PN NAI I . -1.24 -20.47 -12.55
O1N NAI I . -1.60 -21.53 -11.56
O2N NAI I . -1.23 -20.73 -14.00
O5D NAI I . -2.17 -19.20 -12.24
C5D NAI I . -1.90 -17.91 -12.81
C4D NAI I . -3.01 -16.97 -12.40
O4D NAI I . -2.56 -15.61 -12.52
C3D NAI I . -4.32 -17.05 -13.20
O3D NAI I . -5.43 -17.16 -12.33
C2D NAI I . -4.33 -15.71 -13.94
O2D NAI I . -5.64 -15.27 -14.24
C1D NAI I . -3.66 -14.82 -12.90
N1N NAI I . -3.19 -13.50 -13.41
C2N NAI I . -3.61 -12.35 -12.80
C3N NAI I . -3.17 -11.10 -13.18
C7N NAI I . -3.62 -9.88 -12.47
O7N NAI I . -3.09 -8.80 -12.76
N7N NAI I . -4.57 -9.95 -11.54
C4N NAI I . -2.19 -11.02 -14.31
C5N NAI I . -1.82 -12.30 -14.91
C6N NAI I . -2.32 -13.44 -14.48
C01 A1AZH J . -4.55 -9.55 -16.31
C02 A1AZH J . -4.07 -10.61 -17.30
O03 A1AZH J . -1.55 -12.81 -18.16
O01 A1AZH J . -5.18 -10.20 -15.27
C03 A1AZH J . -2.67 -10.28 -17.81
O02 A1AZH J . -5.01 -10.62 -18.32
S01 A1AZH J . -2.06 -11.63 -18.85
O04 A1AZH J . -3.04 -12.14 -19.83
O05 A1AZH J . -0.95 -11.17 -19.68
S SO4 K . 20.66 -23.19 -5.83
O1 SO4 K . 20.07 -21.95 -6.26
O2 SO4 K . 19.69 -24.26 -5.91
O3 SO4 K . 21.79 -23.50 -6.68
O4 SO4 K . 21.10 -23.05 -4.46
#